data_4OTX
#
_entry.id   4OTX
#
_cell.length_a   66.011
_cell.length_b   122.322
_cell.length_c   124.764
_cell.angle_alpha   90.000
_cell.angle_beta   90.000
_cell.angle_gamma   90.000
#
_symmetry.space_group_name_H-M   'P 21 21 21'
#
loop_
_entity.id
_entity.type
_entity.pdbx_description
1 polymer 'N203 light chain'
2 polymer 'N203 heavy chain'
3 non-polymer 'CHLORIDE ION'
4 non-polymer 'AZIDE ION'
5 water water
#
loop_
_entity_poly.entity_id
_entity_poly.type
_entity_poly.pdbx_seq_one_letter_code
_entity_poly.pdbx_strand_id
1 'polypeptide(L)'
;QIVMTQSPSSLTVTAGEKVTMSCKSSQSLLNSGNQKNYLTWYQQKPGQPPKLLIYWASTRESGVPDRFTGSGSGTDFTLT
ISSVQAEDLAVYYCQNDYSYPLTFGAGTKLELKRADAAPTVSIFPPSSEQLTSGGASVVCFLNNFYPKDINVKWKIDGSE
RQNGVLNSWTDQDSKDSTYSMSSTLTLTKDEYERHNSYTCEATHKTSTSPIVKSFNRNE
;
L,M
2 'polypeptide(L)'
;(PCA)VQLQQSGAELARPGASVKLSCKASGYTFTSYWMQWVKQRPGQGLEWIGAIYPGDGDTRYTQKFKGKATLTADKSS
STAYMQLSSLASEDSAVYYCARRWDYWGQGTTLTVSSAKTTAPSVYPLAPVCGDTTGSSVTLGCLVKGYFPEPVTLTWNS
GSLSSGVHTFPAVLQSDLYTLSSSVTVTSSTWPSQSITCNVAHPASSTKVDKKIEPR
;
H,I
#
loop_
_chem_comp.id
_chem_comp.type
_chem_comp.name
_chem_comp.formula
AZI non-polymer 'AZIDE ION' 'N3 -1'
CL non-polymer 'CHLORIDE ION' 'Cl -1'
#
# COMPACT_ATOMS: atom_id res chain seq x y z
N GLN A 1 25.37 -22.82 0.25
CA GLN A 1 23.99 -23.13 0.60
C GLN A 1 23.07 -22.84 -0.58
N ILE A 2 21.83 -23.35 -0.52
CA ILE A 2 20.88 -23.19 -1.61
C ILE A 2 20.04 -21.93 -1.45
N VAL A 3 20.04 -21.08 -2.47
CA VAL A 3 19.27 -19.84 -2.47
C VAL A 3 17.94 -20.03 -3.17
N MET A 4 16.85 -19.74 -2.47
CA MET A 4 15.51 -19.83 -3.05
C MET A 4 15.00 -18.45 -3.42
N THR A 5 14.64 -18.27 -4.69
CA THR A 5 14.15 -16.97 -5.16
C THR A 5 12.70 -17.04 -5.62
N GLN A 6 11.84 -16.28 -4.96
CA GLN A 6 10.43 -16.23 -5.31
C GLN A 6 10.05 -14.95 -6.04
N SER A 7 9.18 -15.09 -7.03
CA SER A 7 8.71 -13.95 -7.81
C SER A 7 7.25 -14.18 -8.21
N PRO A 8 6.42 -13.13 -8.17
CA PRO A 8 6.78 -11.77 -7.75
C PRO A 8 6.82 -11.65 -6.23
N SER A 9 7.28 -10.50 -5.74
CA SER A 9 7.30 -10.24 -4.30
C SER A 9 5.88 -10.13 -3.79
N SER A 10 5.01 -9.55 -4.61
CA SER A 10 3.58 -9.47 -4.29
C SER A 10 2.78 -9.24 -5.56
N LEU A 11 1.50 -9.61 -5.52
CA LEU A 11 0.59 -9.34 -6.62
C LEU A 11 -0.83 -9.21 -6.10
N THR A 12 -1.64 -8.42 -6.80
CA THR A 12 -3.04 -8.24 -6.43
C THR A 12 -3.94 -8.74 -7.56
N VAL A 13 -4.89 -9.59 -7.22
CA VAL A 13 -5.84 -10.12 -8.20
C VAL A 13 -7.26 -10.08 -7.68
N THR A 14 -8.21 -10.19 -8.60
CA THR A 14 -9.62 -10.25 -8.25
C THR A 14 -10.02 -11.71 -8.11
N ALA A 15 -10.99 -11.99 -7.25
CA ALA A 15 -11.50 -13.35 -7.04
C ALA A 15 -11.95 -13.96 -8.35
N GLY A 16 -11.62 -15.23 -8.56
CA GLY A 16 -11.99 -15.95 -9.76
C GLY A 16 -10.88 -15.99 -10.80
N GLU A 17 -9.90 -15.11 -10.66
CA GLU A 17 -8.78 -15.06 -11.59
C GLU A 17 -7.74 -16.15 -11.28
N LYS A 18 -6.91 -16.46 -12.26
CA LYS A 18 -5.85 -17.44 -12.08
C LYS A 18 -4.55 -16.75 -11.68
N VAL A 19 -3.80 -17.39 -10.78
CA VAL A 19 -2.54 -16.85 -10.32
C VAL A 19 -1.40 -17.85 -10.44
N THR A 20 -0.27 -17.41 -10.96
CA THR A 20 0.93 -18.22 -11.02
C THR A 20 2.10 -17.49 -10.38
N MET A 21 2.80 -18.15 -9.46
CA MET A 21 3.98 -17.58 -8.83
C MET A 21 5.17 -18.51 -8.99
N SER A 22 6.37 -17.93 -9.03
CA SER A 22 7.58 -18.69 -9.31
C SER A 22 8.45 -18.92 -8.09
N CYS A 23 9.15 -20.05 -8.08
CA CYS A 23 10.14 -20.34 -7.05
C CYS A 23 11.35 -21.01 -7.71
N LYS A 24 12.50 -20.35 -7.64
CA LYS A 24 13.71 -20.87 -8.27
C LYS A 24 14.80 -21.16 -7.24
N SER A 25 15.55 -22.22 -7.47
CA SER A 25 16.63 -22.61 -6.57
C SER A 25 17.99 -22.53 -7.26
N SER A 26 19.04 -22.32 -6.48
CA SER A 26 20.38 -22.19 -7.02
C SER A 26 20.99 -23.55 -7.37
N GLN A 27 20.42 -24.60 -6.78
CA GLN A 27 20.83 -25.97 -7.09
C GLN A 27 19.59 -26.83 -7.31
N SER A 28 19.74 -27.94 -8.03
CA SER A 28 18.63 -28.84 -8.28
C SER A 28 18.13 -29.48 -6.99
N LEU A 29 16.81 -29.62 -6.89
CA LEU A 29 16.19 -30.23 -5.71
C LEU A 29 15.69 -31.63 -6.03
N LEU A 30 16.12 -32.17 -7.18
CA LEU A 30 15.68 -33.49 -7.62
C LEU A 30 16.50 -34.60 -6.96
N ASN A 31 15.82 -35.46 -6.22
CA ASN A 31 16.45 -36.62 -5.62
C ASN A 31 16.60 -37.72 -6.67
N SER A 32 17.84 -38.12 -6.94
CA SER A 32 18.13 -39.10 -7.99
C SER A 32 17.57 -40.48 -7.67
N GLY A 33 17.50 -40.81 -6.39
CA GLY A 33 17.05 -42.12 -5.95
C GLY A 33 15.59 -42.40 -6.24
N ASN A 34 14.72 -41.45 -5.93
CA ASN A 34 13.28 -41.64 -6.11
C ASN A 34 12.66 -40.68 -7.13
N GLN A 35 13.49 -39.88 -7.77
CA GLN A 35 13.05 -38.95 -8.81
C GLN A 35 11.97 -37.98 -8.34
N LYS A 36 12.06 -37.58 -7.08
CA LYS A 36 11.15 -36.60 -6.51
C LYS A 36 11.87 -35.28 -6.27
N ASN A 37 11.21 -34.17 -6.60
CA ASN A 37 11.75 -32.85 -6.32
C ASN A 37 11.38 -32.42 -4.92
N TYR A 38 12.37 -32.29 -4.05
CA TYR A 38 12.11 -31.91 -2.66
C TYR A 38 11.91 -30.40 -2.49
N LEU A 39 10.78 -29.94 -3.00
CA LEU A 39 10.36 -28.55 -2.88
C LEU A 39 9.02 -28.52 -2.16
N THR A 40 8.88 -27.59 -1.22
CA THR A 40 7.69 -27.52 -0.39
C THR A 40 7.03 -26.14 -0.46
N TRP A 41 5.71 -26.11 -0.62
CA TRP A 41 4.97 -24.85 -0.62
C TRP A 41 4.18 -24.67 0.67
N TYR A 42 4.34 -23.52 1.30
CA TYR A 42 3.55 -23.19 2.49
C TYR A 42 2.64 -21.99 2.23
N GLN A 43 1.51 -21.97 2.93
CA GLN A 43 0.61 -20.83 2.91
C GLN A 43 0.52 -20.25 4.31
N GLN A 44 0.75 -18.95 4.44
CA GLN A 44 0.61 -18.30 5.74
C GLN A 44 -0.39 -17.16 5.69
N LYS A 45 -1.59 -17.44 6.20
CA LYS A 45 -2.63 -16.42 6.31
C LYS A 45 -2.31 -15.51 7.49
N PRO A 46 -2.78 -14.25 7.45
CA PRO A 46 -2.49 -13.27 8.51
C PRO A 46 -2.83 -13.76 9.92
N GLY A 47 -1.84 -13.76 10.80
CA GLY A 47 -2.06 -14.10 12.20
C GLY A 47 -2.02 -15.58 12.49
N GLN A 48 -1.79 -16.39 11.45
CA GLN A 48 -1.76 -17.84 11.62
C GLN A 48 -0.37 -18.41 11.36
N PRO A 49 -0.08 -19.60 11.91
CA PRO A 49 1.16 -20.30 11.57
C PRO A 49 1.13 -20.79 10.13
N PRO A 50 2.30 -20.99 9.52
CA PRO A 50 2.39 -21.50 8.15
C PRO A 50 1.68 -22.85 8.01
N LYS A 51 0.97 -23.03 6.89
CA LYS A 51 0.27 -24.28 6.62
C LYS A 51 0.83 -24.93 5.36
N LEU A 52 1.08 -26.24 5.45
CA LEU A 52 1.56 -27.00 4.30
C LEU A 52 0.52 -27.04 3.19
N LEU A 53 0.94 -26.68 1.98
CA LEU A 53 0.08 -26.81 0.80
C LEU A 53 0.53 -27.98 -0.05
N ILE A 54 1.78 -27.90 -0.52
CA ILE A 54 2.32 -28.88 -1.44
C ILE A 54 3.69 -29.37 -0.96
N TYR A 55 3.92 -30.68 -1.01
CA TYR A 55 5.26 -31.22 -0.79
C TYR A 55 5.64 -32.10 -1.98
N TRP A 56 6.93 -32.42 -2.09
CA TRP A 56 7.46 -33.11 -3.26
C TRP A 56 7.12 -32.36 -4.54
N ALA A 57 7.17 -31.04 -4.47
CA ALA A 57 6.93 -30.14 -5.60
C ALA A 57 5.49 -30.14 -6.15
N SER A 58 4.88 -31.32 -6.24
CA SER A 58 3.58 -31.43 -6.90
C SER A 58 2.54 -32.23 -6.12
N THR A 59 2.94 -32.80 -4.98
CA THR A 59 2.00 -33.59 -4.18
C THR A 59 1.23 -32.72 -3.19
N ARG A 60 -0.09 -32.69 -3.37
CA ARG A 60 -0.96 -31.86 -2.54
C ARG A 60 -1.27 -32.53 -1.21
N GLU A 61 -1.24 -31.75 -0.13
CA GLU A 61 -1.56 -32.26 1.19
C GLU A 61 -3.07 -32.47 1.33
N SER A 62 -3.46 -33.46 2.14
CA SER A 62 -4.88 -33.73 2.38
C SER A 62 -5.60 -32.54 2.99
N GLY A 63 -6.78 -32.23 2.47
CA GLY A 63 -7.55 -31.11 2.94
C GLY A 63 -7.40 -29.89 2.05
N VAL A 64 -6.24 -29.78 1.40
CA VAL A 64 -5.95 -28.65 0.51
C VAL A 64 -6.77 -28.74 -0.76
N PRO A 65 -7.51 -27.65 -1.08
CA PRO A 65 -8.37 -27.56 -2.27
C PRO A 65 -7.62 -27.87 -3.56
N ASP A 66 -8.33 -28.41 -4.54
CA ASP A 66 -7.73 -28.84 -5.79
C ASP A 66 -7.26 -27.66 -6.66
N ARG A 67 -7.69 -26.45 -6.28
CA ARG A 67 -7.32 -25.26 -7.06
C ARG A 67 -5.85 -24.89 -6.84
N PHE A 68 -5.23 -25.48 -5.82
CA PHE A 68 -3.80 -25.30 -5.60
C PHE A 68 -3.01 -26.41 -6.29
N THR A 69 -2.13 -26.02 -7.20
CA THR A 69 -1.32 -26.99 -7.92
C THR A 69 0.15 -26.56 -7.99
N GLY A 70 1.03 -27.44 -7.54
CA GLY A 70 2.47 -27.20 -7.65
C GLY A 70 3.06 -27.99 -8.81
N SER A 71 4.06 -27.42 -9.46
CA SER A 71 4.72 -28.08 -10.57
C SER A 71 6.15 -27.58 -10.74
N GLY A 72 6.86 -28.15 -11.70
CA GLY A 72 8.24 -27.79 -11.95
C GLY A 72 9.20 -28.93 -11.63
N SER A 73 10.48 -28.71 -11.90
CA SER A 73 11.49 -29.72 -11.65
C SER A 73 12.88 -29.10 -11.62
N GLY A 74 13.80 -29.75 -10.90
CA GLY A 74 15.17 -29.29 -10.83
C GLY A 74 15.34 -27.98 -10.09
N THR A 75 15.36 -26.88 -10.84
CA THR A 75 15.64 -25.57 -10.26
C THR A 75 14.53 -24.56 -10.49
N ASP A 76 13.48 -24.95 -11.21
CA ASP A 76 12.39 -24.02 -11.50
C ASP A 76 11.04 -24.63 -11.12
N PHE A 77 10.33 -23.94 -10.22
CA PHE A 77 9.06 -24.43 -9.71
C PHE A 77 7.99 -23.35 -9.73
N THR A 78 6.74 -23.77 -9.87
CA THR A 78 5.62 -22.83 -9.93
C THR A 78 4.46 -23.29 -9.06
N LEU A 79 3.80 -22.33 -8.41
CA LEU A 79 2.56 -22.61 -7.71
C LEU A 79 1.41 -21.92 -8.42
N THR A 80 0.37 -22.67 -8.73
CA THR A 80 -0.79 -22.13 -9.45
C THR A 80 -2.06 -22.21 -8.62
N ILE A 81 -2.76 -21.09 -8.51
CA ILE A 81 -4.10 -21.07 -7.93
C ILE A 81 -5.08 -20.80 -9.07
N SER A 82 -5.82 -21.83 -9.47
CA SER A 82 -6.64 -21.79 -10.67
C SER A 82 -7.78 -20.78 -10.60
N SER A 83 -8.40 -20.65 -9.43
CA SER A 83 -9.49 -19.72 -9.25
C SER A 83 -9.43 -19.12 -7.85
N VAL A 84 -8.71 -18.00 -7.73
CA VAL A 84 -8.46 -17.36 -6.44
C VAL A 84 -9.74 -17.00 -5.70
N GLN A 85 -9.81 -17.40 -4.44
CA GLN A 85 -10.92 -17.02 -3.57
C GLN A 85 -10.40 -16.01 -2.54
N ALA A 86 -11.34 -15.38 -1.84
CA ALA A 86 -10.99 -14.37 -0.84
C ALA A 86 -10.11 -14.95 0.26
N GLU A 87 -10.35 -16.20 0.62
CA GLU A 87 -9.62 -16.86 1.69
C GLU A 87 -8.18 -17.19 1.31
N ASP A 88 -7.86 -17.03 0.03
CA ASP A 88 -6.50 -17.32 -0.45
C ASP A 88 -5.53 -16.19 -0.14
N LEU A 89 -6.05 -15.10 0.42
CA LEU A 89 -5.21 -14.00 0.87
C LEU A 89 -4.18 -14.51 1.87
N ALA A 90 -2.91 -14.48 1.48
CA ALA A 90 -1.83 -14.99 2.31
C ALA A 90 -0.48 -14.71 1.67
N VAL A 91 0.58 -15.04 2.39
CA VAL A 91 1.93 -15.04 1.83
C VAL A 91 2.31 -16.47 1.56
N TYR A 92 2.85 -16.74 0.37
CA TYR A 92 3.19 -18.10 -0.02
C TYR A 92 4.71 -18.30 -0.07
N TYR A 93 5.20 -19.24 0.74
CA TYR A 93 6.62 -19.52 0.83
C TYR A 93 6.96 -20.87 0.20
N CYS A 94 8.07 -20.91 -0.52
CA CYS A 94 8.61 -22.19 -0.97
C CYS A 94 9.82 -22.52 -0.11
N GLN A 95 10.10 -23.81 0.07
CA GLN A 95 11.24 -24.22 0.89
C GLN A 95 12.04 -25.33 0.24
N ASN A 96 13.36 -25.13 0.22
CA ASN A 96 14.29 -26.19 -0.13
C ASN A 96 14.25 -27.27 0.94
N ASP A 97 13.84 -28.47 0.54
CA ASP A 97 13.75 -29.61 1.45
C ASP A 97 14.76 -30.69 1.03
N TYR A 98 15.62 -30.34 0.08
CA TYR A 98 16.54 -31.30 -0.51
C TYR A 98 17.81 -31.53 0.32
N SER A 99 18.39 -30.45 0.83
CA SER A 99 19.60 -30.56 1.62
C SER A 99 19.77 -29.39 2.60
N TYR A 100 20.32 -29.68 3.77
CA TYR A 100 20.52 -28.67 4.81
C TYR A 100 21.59 -27.66 4.43
N PRO A 101 21.38 -26.38 4.80
CA PRO A 101 20.22 -25.86 5.52
C PRO A 101 18.97 -25.72 4.64
N LEU A 102 17.81 -26.05 5.21
CA LEU A 102 16.56 -26.01 4.47
C LEU A 102 16.03 -24.59 4.32
N THR A 103 16.59 -23.86 3.35
CA THR A 103 16.29 -22.45 3.15
C THR A 103 14.88 -22.16 2.62
N PHE A 104 14.34 -21.02 3.03
CA PHE A 104 13.05 -20.54 2.54
C PHE A 104 13.26 -19.46 1.48
N GLY A 105 12.26 -19.28 0.62
CA GLY A 105 12.21 -18.13 -0.26
C GLY A 105 11.66 -16.95 0.51
N ALA A 106 11.74 -15.77 -0.07
CA ALA A 106 11.27 -14.56 0.62
C ALA A 106 9.75 -14.44 0.63
N GLY A 107 9.09 -15.34 -0.10
CA GLY A 107 7.64 -15.39 -0.11
C GLY A 107 6.98 -14.52 -1.16
N THR A 108 5.77 -14.90 -1.56
CA THR A 108 4.97 -14.10 -2.47
C THR A 108 3.67 -13.69 -1.78
N LYS A 109 3.47 -12.40 -1.60
CA LYS A 109 2.28 -11.90 -0.93
C LYS A 109 1.12 -11.76 -1.90
N LEU A 110 0.04 -12.50 -1.63
CA LEU A 110 -1.14 -12.45 -2.48
C LEU A 110 -2.22 -11.58 -1.85
N GLU A 111 -2.56 -10.49 -2.52
CA GLU A 111 -3.59 -9.59 -2.04
C GLU A 111 -4.77 -9.61 -2.99
N LEU A 112 -5.94 -9.21 -2.51
CA LEU A 112 -7.14 -9.26 -3.34
C LEU A 112 -7.75 -7.90 -3.65
N LYS A 113 -8.12 -7.72 -4.92
CA LYS A 113 -8.84 -6.54 -5.36
C LYS A 113 -10.33 -6.84 -5.35
N ARG A 114 -11.12 -5.86 -4.92
CA ARG A 114 -12.57 -6.00 -4.91
C ARG A 114 -13.23 -4.66 -5.20
N ALA A 115 -14.54 -4.65 -5.27
CA ALA A 115 -15.29 -3.42 -5.53
C ALA A 115 -15.18 -2.48 -4.34
N ASP A 116 -15.30 -1.17 -4.61
CA ASP A 116 -15.27 -0.16 -3.57
C ASP A 116 -16.39 -0.39 -2.56
N ALA A 117 -16.08 -0.20 -1.29
CA ALA A 117 -17.06 -0.42 -0.23
C ALA A 117 -16.95 0.67 0.83
N ALA A 118 -18.09 1.22 1.22
CA ALA A 118 -18.14 2.25 2.25
C ALA A 118 -18.09 1.62 3.64
N PRO A 119 -17.39 2.27 4.58
CA PRO A 119 -17.26 1.75 5.93
C PRO A 119 -18.55 1.93 6.75
N THR A 120 -18.73 1.08 7.75
CA THR A 120 -19.79 1.29 8.73
C THR A 120 -19.16 1.87 9.98
N VAL A 121 -19.42 3.15 10.22
CA VAL A 121 -18.75 3.88 11.30
C VAL A 121 -19.53 3.82 12.61
N SER A 122 -18.82 3.63 13.71
CA SER A 122 -19.42 3.67 15.04
C SER A 122 -18.47 4.35 16.03
N ILE A 123 -18.99 5.29 16.80
CA ILE A 123 -18.18 6.05 17.74
C ILE A 123 -18.54 5.70 19.19
N PHE A 124 -17.53 5.63 20.04
CA PHE A 124 -17.73 5.26 21.44
C PHE A 124 -17.10 6.27 22.41
N PRO A 125 -17.94 6.93 23.22
CA PRO A 125 -17.45 7.81 24.29
C PRO A 125 -16.68 7.00 25.32
N PRO A 126 -15.83 7.68 26.12
CA PRO A 126 -15.09 7.00 27.20
C PRO A 126 -16.03 6.25 28.14
N SER A 127 -15.60 5.08 28.61
CA SER A 127 -16.42 4.32 29.55
C SER A 127 -16.35 4.94 30.94
N SER A 128 -17.30 4.59 31.79
CA SER A 128 -17.37 5.14 33.14
C SER A 128 -16.16 4.72 33.96
N GLU A 129 -15.68 3.49 33.74
CA GLU A 129 -14.53 2.98 34.47
C GLU A 129 -13.25 3.72 34.13
N GLN A 130 -13.05 4.02 32.85
CA GLN A 130 -11.86 4.76 32.43
C GLN A 130 -11.89 6.18 32.96
N LEU A 131 -13.08 6.79 32.97
CA LEU A 131 -13.24 8.13 33.51
C LEU A 131 -12.94 8.16 35.01
N THR A 132 -13.32 7.11 35.71
CA THR A 132 -13.06 7.01 37.14
C THR A 132 -11.55 6.90 37.40
N SER A 133 -10.85 6.23 36.50
CA SER A 133 -9.41 6.04 36.64
C SER A 133 -8.63 7.32 36.31
N GLY A 134 -9.27 8.24 35.60
CA GLY A 134 -8.67 9.53 35.30
C GLY A 134 -8.33 9.73 33.83
N GLY A 135 -8.63 8.73 33.01
CA GLY A 135 -8.36 8.81 31.59
C GLY A 135 -9.63 8.91 30.76
N ALA A 136 -9.48 9.24 29.49
CA ALA A 136 -10.63 9.36 28.60
C ALA A 136 -10.25 9.09 27.14
N SER A 137 -10.63 7.93 26.64
CA SER A 137 -10.36 7.57 25.25
C SER A 137 -11.65 7.54 24.45
N VAL A 138 -11.69 8.28 23.34
CA VAL A 138 -12.82 8.23 22.44
C VAL A 138 -12.47 7.32 21.25
N VAL A 139 -13.18 6.20 21.14
CA VAL A 139 -12.86 5.18 20.15
C VAL A 139 -13.83 5.20 18.98
N CYS A 140 -13.29 5.24 17.77
CA CYS A 140 -14.11 5.16 16.56
C CYS A 140 -13.72 3.95 15.72
N PHE A 141 -14.73 3.21 15.26
CA PHE A 141 -14.51 2.05 14.41
C PHE A 141 -15.02 2.33 13.00
N LEU A 142 -14.19 2.00 12.01
CA LEU A 142 -14.61 2.09 10.62
C LEU A 142 -14.41 0.72 9.97
N ASN A 143 -15.50 -0.03 9.83
CA ASN A 143 -15.40 -1.43 9.46
C ASN A 143 -15.86 -1.76 8.04
N ASN A 144 -15.22 -2.79 7.46
CA ASN A 144 -15.63 -3.38 6.19
C ASN A 144 -15.65 -2.39 5.02
N PHE A 145 -14.50 -1.80 4.74
CA PHE A 145 -14.38 -0.86 3.62
C PHE A 145 -13.31 -1.27 2.63
N TYR A 146 -13.33 -0.64 1.45
CA TYR A 146 -12.32 -0.87 0.42
C TYR A 146 -12.35 0.32 -0.54
N PRO A 147 -11.17 0.79 -0.99
CA PRO A 147 -9.83 0.27 -0.68
C PRO A 147 -9.31 0.68 0.70
N LYS A 148 -8.06 0.35 0.99
CA LYS A 148 -7.47 0.55 2.31
C LYS A 148 -7.26 2.02 2.66
N ASP A 149 -6.89 2.82 1.66
CA ASP A 149 -6.57 4.23 1.90
C ASP A 149 -7.82 5.08 2.21
N ILE A 150 -8.35 4.93 3.40
CA ILE A 150 -9.49 5.72 3.83
C ILE A 150 -9.01 6.92 4.65
N ASN A 151 -9.77 8.01 4.61
CA ASN A 151 -9.42 9.22 5.36
C ASN A 151 -10.35 9.44 6.55
N VAL A 152 -9.84 9.20 7.75
CA VAL A 152 -10.61 9.43 8.96
C VAL A 152 -10.33 10.83 9.52
N LYS A 153 -11.41 11.56 9.81
CA LYS A 153 -11.28 12.93 10.31
C LYS A 153 -12.03 13.09 11.63
N TRP A 154 -11.40 13.78 12.58
CA TRP A 154 -12.01 14.02 13.88
C TRP A 154 -12.41 15.47 14.04
N LYS A 155 -13.51 15.70 14.75
CA LYS A 155 -13.94 17.05 15.08
C LYS A 155 -14.34 17.14 16.55
N ILE A 156 -13.94 18.24 17.19
CA ILE A 156 -14.37 18.52 18.55
C ILE A 156 -15.06 19.88 18.58
N ASP A 157 -16.35 19.87 18.93
CA ASP A 157 -17.17 21.09 18.94
C ASP A 157 -17.17 21.79 17.58
N GLY A 158 -17.18 21.00 16.51
CA GLY A 158 -17.26 21.55 15.17
C GLY A 158 -15.92 21.89 14.54
N SER A 159 -14.86 21.81 15.33
CA SER A 159 -13.52 22.13 14.85
C SER A 159 -12.66 20.89 14.66
N GLU A 160 -11.88 20.87 13.60
CA GLU A 160 -11.04 19.72 13.25
C GLU A 160 -9.99 19.42 14.33
N ARG A 161 -9.86 18.14 14.67
CA ARG A 161 -8.92 17.70 15.70
C ARG A 161 -8.02 16.59 15.17
N GLN A 162 -6.71 16.75 15.36
CA GLN A 162 -5.75 15.78 14.87
C GLN A 162 -4.85 15.24 15.98
N ASN A 163 -4.61 16.07 16.99
CA ASN A 163 -3.74 15.69 18.09
C ASN A 163 -4.32 14.57 18.96
N GLY A 164 -3.51 13.56 19.22
CA GLY A 164 -3.91 12.46 20.09
C GLY A 164 -4.67 11.36 19.38
N VAL A 165 -4.61 11.36 18.05
CA VAL A 165 -5.31 10.36 17.26
C VAL A 165 -4.36 9.27 16.77
N LEU A 166 -4.67 8.03 17.10
CA LEU A 166 -3.89 6.89 16.64
C LEU A 166 -4.75 5.94 15.80
N ASN A 167 -4.32 5.68 14.57
CA ASN A 167 -5.04 4.79 13.67
C ASN A 167 -4.42 3.40 13.61
N SER A 168 -5.23 2.41 13.29
CA SER A 168 -4.77 1.03 13.22
C SER A 168 -5.65 0.20 12.28
N TRP A 169 -5.08 -0.22 11.15
CA TRP A 169 -5.81 -1.03 10.18
C TRP A 169 -5.64 -2.52 10.47
N THR A 170 -6.70 -3.28 10.22
CA THR A 170 -6.58 -4.74 10.23
C THR A 170 -5.93 -5.17 8.92
N ASP A 171 -5.57 -6.44 8.83
CA ASP A 171 -5.17 -7.00 7.55
C ASP A 171 -6.43 -7.14 6.71
N GLN A 172 -6.27 -7.37 5.42
CA GLN A 172 -7.41 -7.57 4.54
C GLN A 172 -8.23 -8.75 5.04
N ASP A 173 -9.55 -8.67 4.94
CA ASP A 173 -10.41 -9.72 5.48
C ASP A 173 -10.37 -10.97 4.60
N SER A 174 -10.40 -12.13 5.23
CA SER A 174 -10.29 -13.40 4.52
C SER A 174 -11.59 -13.81 3.84
N LYS A 175 -12.71 -13.22 4.27
CA LYS A 175 -14.01 -13.60 3.74
C LYS A 175 -14.58 -12.63 2.70
N ASP A 176 -14.38 -11.33 2.89
CA ASP A 176 -14.91 -10.35 1.95
C ASP A 176 -13.85 -9.42 1.34
N SER A 177 -12.59 -9.64 1.73
CA SER A 177 -11.46 -8.88 1.19
C SER A 177 -11.51 -7.38 1.50
N THR A 178 -12.27 -7.01 2.53
CA THR A 178 -12.35 -5.61 2.93
C THR A 178 -11.36 -5.30 4.04
N TYR A 179 -11.19 -4.01 4.34
CA TYR A 179 -10.35 -3.58 5.44
C TYR A 179 -11.19 -2.99 6.55
N SER A 180 -10.62 -2.95 7.76
CA SER A 180 -11.25 -2.28 8.89
C SER A 180 -10.18 -1.54 9.69
N MET A 181 -10.55 -0.40 10.26
CA MET A 181 -9.60 0.37 11.05
C MET A 181 -10.25 0.96 12.30
N SER A 182 -9.44 1.14 13.34
CA SER A 182 -9.88 1.84 14.53
C SER A 182 -9.16 3.18 14.60
N SER A 183 -9.87 4.20 15.06
CA SER A 183 -9.27 5.51 15.28
C SER A 183 -9.57 5.95 16.71
N THR A 184 -8.53 6.05 17.52
CA THR A 184 -8.72 6.36 18.94
C THR A 184 -8.18 7.73 19.29
N LEU A 185 -9.09 8.62 19.71
CA LEU A 185 -8.72 9.94 20.19
C LEU A 185 -8.44 9.87 21.69
N THR A 186 -7.18 10.05 22.07
CA THR A 186 -6.79 9.95 23.47
C THR A 186 -6.48 11.31 24.09
N LEU A 187 -7.19 11.63 25.16
CA LEU A 187 -6.95 12.86 25.92
C LEU A 187 -7.23 12.60 27.39
N THR A 188 -6.85 13.55 28.25
CA THR A 188 -7.07 13.39 29.67
C THR A 188 -8.54 13.60 30.03
N LYS A 189 -8.93 13.16 31.22
CA LYS A 189 -10.30 13.29 31.69
C LYS A 189 -10.75 14.75 31.69
N ASP A 190 -9.87 15.64 32.13
CA ASP A 190 -10.18 17.06 32.16
C ASP A 190 -10.32 17.65 30.77
N GLU A 191 -9.42 17.27 29.86
CA GLU A 191 -9.48 17.75 28.48
C GLU A 191 -10.77 17.30 27.80
N TYR A 192 -11.23 16.11 28.14
CA TYR A 192 -12.46 15.56 27.57
C TYR A 192 -13.69 16.32 28.05
N GLU A 193 -13.68 16.70 29.33
CA GLU A 193 -14.84 17.35 29.93
C GLU A 193 -14.89 18.86 29.67
N ARG A 194 -13.90 19.38 28.95
CA ARG A 194 -13.91 20.79 28.58
C ARG A 194 -14.63 20.99 27.25
N HIS A 195 -15.11 19.89 26.67
CA HIS A 195 -15.78 19.94 25.38
C HIS A 195 -17.08 19.15 25.38
N ASN A 196 -17.91 19.37 24.36
CA ASN A 196 -19.23 18.76 24.29
C ASN A 196 -19.41 17.80 23.12
N SER A 197 -19.23 18.30 21.91
CA SER A 197 -19.46 17.52 20.70
C SER A 197 -18.19 16.81 20.24
N TYR A 198 -18.34 15.54 19.84
CA TYR A 198 -17.24 14.76 19.31
C TYR A 198 -17.68 14.06 18.02
N THR A 199 -16.95 14.32 16.95
CA THR A 199 -17.31 13.78 15.64
C THR A 199 -16.20 12.90 15.05
N CYS A 200 -16.60 11.72 14.57
CA CYS A 200 -15.70 10.86 13.82
C CYS A 200 -16.30 10.63 12.44
N GLU A 201 -15.52 10.87 11.39
CA GLU A 201 -16.04 10.76 10.03
C GLU A 201 -15.01 10.17 9.06
N ALA A 202 -15.51 9.59 7.98
CA ALA A 202 -14.66 9.01 6.95
C ALA A 202 -14.48 9.96 5.78
N PRO A 210 -19.87 11.95 2.74
CA PRO A 210 -19.06 11.51 3.88
C PRO A 210 -19.89 10.79 4.93
N ILE A 211 -19.31 9.76 5.55
CA ILE A 211 -20.01 9.00 6.58
C ILE A 211 -19.61 9.51 7.96
N VAL A 212 -20.60 10.04 8.69
CA VAL A 212 -20.34 10.75 9.94
C VAL A 212 -21.07 10.13 11.14
N LYS A 213 -20.33 9.95 12.23
CA LYS A 213 -20.90 9.56 13.51
C LYS A 213 -20.47 10.55 14.59
N SER A 214 -21.40 10.93 15.44
CA SER A 214 -21.12 11.95 16.46
C SER A 214 -21.99 11.82 17.69
N PHE A 215 -21.51 12.35 18.81
CA PHE A 215 -22.28 12.39 20.04
C PHE A 215 -22.02 13.68 20.80
N ASN A 216 -22.95 14.04 21.69
CA ASN A 216 -22.79 15.23 22.53
C ASN A 216 -22.97 14.85 23.99
N ARG A 217 -22.15 15.44 24.85
CA ARG A 217 -22.21 15.16 26.28
C ARG A 217 -23.46 15.78 26.93
N ASN A 218 -24.26 16.48 26.12
CA ASN A 218 -25.49 17.11 26.57
C ASN A 218 -25.26 18.20 27.62
N PCA B 1 -4.27 -37.89 15.90
CA PCA B 1 -3.90 -36.50 15.63
CB PCA B 1 -4.85 -35.54 16.34
CG PCA B 1 -5.67 -36.38 17.32
CD PCA B 1 -5.31 -37.78 16.92
OE PCA B 1 -5.90 -38.75 17.41
C PCA B 1 -2.48 -36.19 16.08
O PCA B 1 -2.18 -36.20 17.27
N VAL B 2 -1.61 -35.90 15.12
CA VAL B 2 -0.26 -35.45 15.41
C VAL B 2 -0.32 -34.03 15.96
N GLN B 3 0.28 -33.81 17.13
CA GLN B 3 0.23 -32.51 17.77
C GLN B 3 1.60 -32.04 18.28
N LEU B 4 1.85 -30.75 18.13
CA LEU B 4 3.08 -30.14 18.62
C LEU B 4 2.75 -28.97 19.54
N GLN B 5 2.93 -29.18 20.84
CA GLN B 5 2.59 -28.16 21.83
C GLN B 5 3.81 -27.33 22.22
N GLN B 6 3.85 -26.08 21.76
CA GLN B 6 4.94 -25.17 22.08
C GLN B 6 4.67 -24.43 23.39
N SER B 7 5.74 -24.12 24.12
CA SER B 7 5.63 -23.39 25.37
C SER B 7 5.06 -21.99 25.15
N GLY B 8 4.59 -21.38 26.23
CA GLY B 8 3.91 -20.10 26.15
C GLY B 8 4.81 -18.92 25.85
N ALA B 9 4.20 -17.75 25.70
CA ALA B 9 4.93 -16.52 25.41
C ALA B 9 5.96 -16.23 26.48
N GLU B 10 7.08 -15.60 26.09
CA GLU B 10 8.18 -15.36 26.99
C GLU B 10 8.69 -13.93 26.94
N LEU B 11 8.95 -13.37 28.12
CA LEU B 11 9.65 -12.09 28.22
C LEU B 11 11.00 -12.34 28.88
N ALA B 12 12.06 -11.88 28.22
CA ALA B 12 13.41 -12.10 28.73
C ALA B 12 14.26 -10.84 28.58
N ARG B 13 15.19 -10.67 29.52
CA ARG B 13 16.08 -9.51 29.49
C ARG B 13 17.21 -9.75 28.49
N PRO B 14 17.73 -8.66 27.91
CA PRO B 14 18.90 -8.76 27.03
C PRO B 14 20.09 -9.39 27.75
N GLY B 15 20.77 -10.32 27.08
CA GLY B 15 21.90 -11.00 27.68
C GLY B 15 21.52 -12.32 28.33
N ALA B 16 20.24 -12.46 28.66
CA ALA B 16 19.76 -13.68 29.29
C ALA B 16 19.62 -14.82 28.28
N SER B 17 19.07 -15.95 28.74
CA SER B 17 18.86 -17.10 27.88
C SER B 17 17.46 -17.68 28.13
N VAL B 18 16.85 -18.22 27.07
CA VAL B 18 15.56 -18.89 27.22
C VAL B 18 15.60 -20.27 26.57
N LYS B 19 14.78 -21.16 27.10
CA LYS B 19 14.68 -22.51 26.55
C LYS B 19 13.27 -22.79 26.08
N LEU B 20 13.06 -22.71 24.78
CA LEU B 20 11.75 -22.96 24.20
C LEU B 20 11.52 -24.44 24.04
N SER B 21 10.30 -24.90 24.36
CA SER B 21 10.00 -26.32 24.30
C SER B 21 8.93 -26.63 23.25
N CYS B 22 8.96 -27.86 22.76
CA CYS B 22 8.02 -28.32 21.76
C CYS B 22 7.70 -29.79 22.00
N LYS B 23 6.63 -30.06 22.74
CA LYS B 23 6.27 -31.43 23.07
C LYS B 23 5.45 -32.10 21.97
N ALA B 24 5.94 -33.24 21.49
CA ALA B 24 5.32 -33.93 20.36
C ALA B 24 4.47 -35.12 20.79
N SER B 25 3.47 -35.43 19.99
CA SER B 25 2.58 -36.57 20.23
C SER B 25 1.81 -36.90 18.95
N GLY B 26 1.39 -38.16 18.82
CA GLY B 26 0.63 -38.58 17.67
C GLY B 26 1.49 -39.27 16.62
N TYR B 27 2.78 -39.41 16.91
CA TYR B 27 3.70 -40.09 16.01
C TYR B 27 4.93 -40.55 16.76
N THR B 28 5.83 -41.25 16.07
CA THR B 28 7.05 -41.73 16.69
C THR B 28 8.11 -40.62 16.71
N PHE B 29 8.36 -40.09 17.91
CA PHE B 29 9.25 -38.95 18.12
C PHE B 29 10.65 -39.16 17.55
N THR B 30 11.13 -40.39 17.61
CA THR B 30 12.52 -40.70 17.26
C THR B 30 12.73 -41.05 15.79
N SER B 31 11.70 -40.92 14.97
CA SER B 31 11.78 -41.32 13.58
C SER B 31 11.66 -40.16 12.60
N TYR B 32 11.59 -38.94 13.13
CA TYR B 32 11.42 -37.75 12.30
C TYR B 32 12.29 -36.60 12.75
N TRP B 33 12.64 -35.72 11.82
CA TRP B 33 13.37 -34.51 12.14
C TRP B 33 12.42 -33.46 12.70
N MET B 34 12.84 -32.77 13.76
CA MET B 34 12.08 -31.65 14.28
C MET B 34 12.74 -30.35 13.81
N GLN B 35 11.94 -29.50 13.15
CA GLN B 35 12.44 -28.30 12.51
C GLN B 35 12.14 -27.07 13.36
N TRP B 36 13.03 -26.09 13.35
CA TRP B 36 12.80 -24.83 14.07
C TRP B 36 12.90 -23.62 13.14
N VAL B 37 11.91 -22.73 13.20
CA VAL B 37 11.82 -21.61 12.28
C VAL B 37 11.51 -20.29 13.00
N LYS B 38 12.19 -19.22 12.58
CA LYS B 38 12.03 -17.90 13.17
C LYS B 38 11.25 -16.96 12.25
N GLN B 39 10.39 -16.12 12.82
CA GLN B 39 9.67 -15.13 12.04
C GLN B 39 9.56 -13.78 12.75
N ARG B 40 10.30 -12.79 12.25
CA ARG B 40 10.19 -11.42 12.74
C ARG B 40 8.89 -10.81 12.22
N PRO B 41 8.34 -9.83 12.96
CA PRO B 41 7.08 -9.19 12.57
C PRO B 41 7.14 -8.60 11.16
N GLY B 42 6.22 -9.03 10.30
CA GLY B 42 6.14 -8.52 8.95
C GLY B 42 7.17 -9.12 8.00
N GLN B 43 8.10 -9.89 8.54
CA GLN B 43 9.17 -10.49 7.73
C GLN B 43 8.86 -11.94 7.38
N GLY B 44 9.71 -12.53 6.55
CA GLY B 44 9.50 -13.89 6.09
C GLY B 44 9.90 -14.94 7.10
N LEU B 45 9.89 -16.20 6.66
CA LEU B 45 10.29 -17.31 7.51
C LEU B 45 11.79 -17.53 7.41
N GLU B 46 12.44 -17.78 8.54
CA GLU B 46 13.87 -18.04 8.55
C GLU B 46 14.17 -19.36 9.25
N TRP B 47 14.77 -20.29 8.51
CA TRP B 47 15.11 -21.60 9.05
C TRP B 47 16.23 -21.49 10.06
N ILE B 48 16.03 -22.05 11.25
CA ILE B 48 17.05 -22.00 12.29
C ILE B 48 17.88 -23.26 12.29
N GLY B 49 17.21 -24.40 12.38
CA GLY B 49 17.90 -25.68 12.40
C GLY B 49 16.97 -26.86 12.60
N ALA B 50 17.55 -28.03 12.81
CA ALA B 50 16.76 -29.24 13.00
C ALA B 50 17.46 -30.26 13.89
N ILE B 51 16.68 -31.14 14.51
CA ILE B 51 17.23 -32.22 15.33
C ILE B 51 16.52 -33.55 15.05
N TYR B 52 17.30 -34.63 15.03
CA TYR B 52 16.74 -35.97 14.87
C TYR B 52 16.90 -36.69 16.20
N PRO B 53 15.83 -36.69 17.02
CA PRO B 53 15.84 -37.22 18.39
C PRO B 53 16.26 -38.69 18.46
N GLY B 54 16.07 -39.41 17.37
CA GLY B 54 16.42 -40.83 17.33
C GLY B 54 17.87 -41.10 17.62
N ASP B 55 18.75 -40.22 17.15
CA ASP B 55 20.19 -40.41 17.35
C ASP B 55 20.90 -39.14 17.79
N GLY B 56 20.16 -38.05 17.90
CA GLY B 56 20.70 -36.80 18.41
C GLY B 56 21.40 -35.93 17.38
N ASP B 57 21.23 -36.25 16.10
CA ASP B 57 21.83 -35.45 15.05
C ASP B 57 21.23 -34.06 15.00
N THR B 58 22.06 -33.04 14.77
CA THR B 58 21.60 -31.67 14.69
C THR B 58 22.15 -30.93 13.48
N ARG B 59 21.36 -30.01 12.96
CA ARG B 59 21.77 -29.17 11.84
C ARG B 59 21.45 -27.72 12.16
N TYR B 60 22.32 -26.81 11.73
CA TYR B 60 22.12 -25.39 11.97
C TYR B 60 22.46 -24.59 10.71
N THR B 61 21.78 -23.45 10.54
CA THR B 61 22.20 -22.49 9.53
C THR B 61 23.21 -21.56 10.18
N GLN B 62 24.05 -20.93 9.36
CA GLN B 62 25.18 -20.15 9.86
C GLN B 62 24.82 -19.07 10.87
N LYS B 63 23.78 -18.31 10.57
CA LYS B 63 23.37 -17.17 11.40
C LYS B 63 22.96 -17.57 12.82
N PHE B 64 22.58 -18.82 13.00
CA PHE B 64 22.05 -19.26 14.29
C PHE B 64 22.98 -20.20 15.06
N LYS B 65 24.19 -20.39 14.55
CA LYS B 65 25.21 -21.14 15.28
C LYS B 65 25.56 -20.37 16.55
N GLY B 66 25.57 -21.06 17.69
CA GLY B 66 25.88 -20.42 18.95
C GLY B 66 24.65 -19.80 19.60
N LYS B 67 23.91 -19.02 18.82
CA LYS B 67 22.67 -18.42 19.30
C LYS B 67 21.66 -19.48 19.70
N ALA B 68 21.47 -20.46 18.82
CA ALA B 68 20.51 -21.53 19.07
C ALA B 68 21.20 -22.85 19.36
N THR B 69 20.70 -23.57 20.36
CA THR B 69 21.18 -24.91 20.66
C THR B 69 19.99 -25.86 20.75
N LEU B 70 19.99 -26.86 19.87
CA LEU B 70 18.87 -27.80 19.80
C LEU B 70 19.16 -29.09 20.57
N THR B 71 18.23 -29.46 21.44
CA THR B 71 18.31 -30.72 22.17
C THR B 71 16.96 -31.42 22.16
N ALA B 72 16.93 -32.65 22.65
CA ALA B 72 15.69 -33.42 22.70
C ALA B 72 15.66 -34.37 23.89
N ASP B 73 14.47 -34.56 24.45
CA ASP B 73 14.27 -35.49 25.54
C ASP B 73 13.31 -36.58 25.09
N LYS B 74 13.84 -37.78 24.84
CA LYS B 74 13.02 -38.88 24.33
C LYS B 74 11.97 -39.34 25.33
N SER B 75 12.32 -39.32 26.62
CA SER B 75 11.42 -39.79 27.66
C SER B 75 10.17 -38.91 27.79
N SER B 76 10.27 -37.67 27.33
CA SER B 76 9.14 -36.75 27.40
C SER B 76 8.67 -36.34 26.00
N SER B 77 9.33 -36.87 24.98
CA SER B 77 9.03 -36.54 23.58
C SER B 77 9.04 -35.04 23.35
N THR B 78 10.04 -34.35 23.92
CA THR B 78 10.11 -32.90 23.83
C THR B 78 11.38 -32.41 23.18
N ALA B 79 11.23 -31.55 22.18
CA ALA B 79 12.37 -30.90 21.56
C ALA B 79 12.58 -29.54 22.20
N TYR B 80 13.84 -29.16 22.42
CA TYR B 80 14.15 -27.87 23.04
C TYR B 80 15.04 -27.01 22.15
N MET B 81 14.83 -25.70 22.21
CA MET B 81 15.75 -24.77 21.58
C MET B 81 16.17 -23.68 22.56
N GLN B 82 17.44 -23.67 22.92
CA GLN B 82 17.97 -22.64 23.80
C GLN B 82 18.46 -21.46 22.97
N LEU B 83 17.92 -20.28 23.25
CA LEU B 83 18.39 -19.05 22.63
C LEU B 83 19.19 -18.27 23.67
N SER B 84 20.49 -18.13 23.42
CA SER B 84 21.40 -17.53 24.40
C SER B 84 21.86 -16.13 23.97
N SER B 85 22.43 -15.40 24.93
CA SER B 85 22.95 -14.05 24.70
C SER B 85 21.92 -13.18 24.01
N LEU B 86 20.70 -13.19 24.53
CA LEU B 86 19.55 -12.56 23.88
C LEU B 86 19.72 -11.07 23.62
N ALA B 87 19.34 -10.65 22.41
CA ALA B 87 19.31 -9.25 22.04
C ALA B 87 17.97 -8.93 21.42
N SER B 88 17.70 -7.65 21.18
CA SER B 88 16.41 -7.21 20.65
C SER B 88 16.07 -7.88 19.32
N GLU B 89 17.09 -8.22 18.54
CA GLU B 89 16.89 -8.86 17.24
C GLU B 89 16.34 -10.27 17.39
N ASP B 90 16.40 -10.82 18.59
CA ASP B 90 15.89 -12.16 18.85
C ASP B 90 14.40 -12.14 19.14
N SER B 91 13.84 -10.95 19.30
CA SER B 91 12.40 -10.80 19.49
C SER B 91 11.67 -11.23 18.22
N ALA B 92 10.95 -12.33 18.31
CA ALA B 92 10.23 -12.89 17.16
C ALA B 92 9.30 -14.01 17.61
N VAL B 93 8.58 -14.57 16.65
CA VAL B 93 7.82 -15.79 16.89
C VAL B 93 8.66 -16.97 16.42
N TYR B 94 8.72 -18.01 17.22
CA TYR B 94 9.50 -19.19 16.87
C TYR B 94 8.60 -20.42 16.76
N TYR B 95 8.70 -21.11 15.63
CA TYR B 95 7.89 -22.31 15.39
C TYR B 95 8.75 -23.56 15.47
N CYS B 96 8.12 -24.66 15.88
CA CYS B 96 8.70 -25.98 15.70
C CYS B 96 7.79 -26.74 14.74
N ALA B 97 8.38 -27.65 13.96
CA ALA B 97 7.61 -28.38 12.96
C ALA B 97 8.23 -29.75 12.70
N ARG B 98 7.37 -30.76 12.50
CA ARG B 98 7.84 -32.06 12.08
C ARG B 98 7.85 -32.09 10.55
N ARG B 99 9.05 -32.13 9.98
CA ARG B 99 9.23 -32.04 8.53
C ARG B 99 8.56 -30.79 7.96
N TRP B 100 7.57 -30.98 7.09
CA TRP B 100 6.88 -29.87 6.45
C TRP B 100 5.41 -29.81 6.84
N ASP B 101 4.88 -30.92 7.34
CA ASP B 101 3.43 -31.07 7.47
C ASP B 101 2.82 -30.44 8.73
N TYR B 102 3.33 -30.80 9.90
CA TYR B 102 2.73 -30.33 11.15
C TYR B 102 3.53 -29.20 11.79
N TRP B 103 2.83 -28.15 12.20
CA TRP B 103 3.46 -26.98 12.80
C TRP B 103 2.86 -26.67 14.17
N GLY B 104 3.72 -26.22 15.09
CA GLY B 104 3.25 -25.74 16.38
C GLY B 104 2.57 -24.39 16.21
N GLN B 105 1.93 -23.90 17.27
CA GLN B 105 1.24 -22.62 17.21
C GLN B 105 2.19 -21.44 17.32
N GLY B 106 3.45 -21.74 17.63
CA GLY B 106 4.47 -20.72 17.72
C GLY B 106 4.62 -20.15 19.12
N THR B 107 5.81 -19.70 19.45
CA THR B 107 6.08 -19.06 20.72
C THR B 107 6.61 -17.65 20.48
N THR B 108 5.94 -16.66 21.06
CA THR B 108 6.35 -15.27 20.92
C THR B 108 7.39 -14.92 21.98
N LEU B 109 8.56 -14.49 21.52
CA LEU B 109 9.61 -14.07 22.43
C LEU B 109 9.84 -12.57 22.34
N THR B 110 9.81 -11.91 23.49
CA THR B 110 10.11 -10.48 23.56
C THR B 110 11.37 -10.27 24.39
N VAL B 111 12.39 -9.68 23.78
CA VAL B 111 13.62 -9.37 24.48
C VAL B 111 13.66 -7.88 24.83
N SER B 112 13.49 -7.57 26.10
CA SER B 112 13.41 -6.19 26.55
C SER B 112 13.80 -6.05 28.01
N SER B 113 14.27 -4.85 28.38
CA SER B 113 14.64 -4.56 29.76
C SER B 113 13.45 -4.00 30.53
N ALA B 114 12.37 -3.73 29.83
CA ALA B 114 11.18 -3.15 30.43
C ALA B 114 10.40 -4.16 31.27
N LYS B 115 9.69 -3.67 32.28
CA LYS B 115 8.91 -4.53 33.17
C LYS B 115 7.55 -4.85 32.60
N THR B 116 6.94 -5.92 33.10
CA THR B 116 5.61 -6.34 32.67
C THR B 116 4.55 -5.40 33.23
N THR B 117 3.60 -5.01 32.38
CA THR B 117 2.50 -4.16 32.80
C THR B 117 1.16 -4.78 32.40
N ALA B 118 0.31 -5.03 33.39
CA ALA B 118 -1.02 -5.58 33.13
C ALA B 118 -1.92 -4.53 32.50
N PRO B 119 -2.75 -4.95 31.54
CA PRO B 119 -3.63 -4.03 30.83
C PRO B 119 -4.86 -3.62 31.66
N SER B 120 -5.43 -2.48 31.33
CA SER B 120 -6.72 -2.09 31.85
C SER B 120 -7.75 -2.32 30.75
N VAL B 121 -8.83 -3.03 31.08
CA VAL B 121 -9.84 -3.38 30.09
C VAL B 121 -11.13 -2.61 30.33
N TYR B 122 -11.62 -1.94 29.29
CA TYR B 122 -12.84 -1.16 29.40
C TYR B 122 -13.89 -1.62 28.39
N PRO B 123 -15.14 -1.78 28.86
CA PRO B 123 -16.26 -2.12 27.97
C PRO B 123 -16.73 -0.88 27.20
N LEU B 124 -17.04 -1.04 25.92
CA LEU B 124 -17.50 0.08 25.11
C LEU B 124 -18.90 -0.14 24.58
N ALA B 125 -19.90 0.38 25.30
CA ALA B 125 -21.29 0.31 24.89
C ALA B 125 -21.61 1.46 23.94
N PRO B 126 -22.63 1.31 23.09
CA PRO B 126 -22.98 2.36 22.13
C PRO B 126 -23.42 3.66 22.78
N VAL B 127 -23.59 4.70 21.96
CA VAL B 127 -24.07 5.99 22.45
C VAL B 127 -25.52 5.88 22.89
N CYS B 128 -25.98 6.86 23.67
CA CYS B 128 -27.34 6.87 24.20
C CYS B 128 -28.37 7.14 23.10
N SER B 135 -28.41 -3.68 13.00
CA SER B 135 -27.34 -4.30 13.76
C SER B 135 -26.73 -3.33 14.77
N VAL B 136 -26.03 -3.87 15.76
CA VAL B 136 -25.39 -3.03 16.77
C VAL B 136 -23.91 -3.42 16.91
N THR B 137 -23.06 -2.41 17.07
CA THR B 137 -21.63 -2.64 17.23
C THR B 137 -21.17 -2.33 18.65
N LEU B 138 -20.48 -3.28 19.27
CA LEU B 138 -19.93 -3.08 20.60
C LEU B 138 -18.41 -3.04 20.52
N GLY B 139 -17.78 -2.55 21.58
CA GLY B 139 -16.33 -2.42 21.60
C GLY B 139 -15.68 -2.82 22.90
N CYS B 140 -14.38 -3.09 22.85
CA CYS B 140 -13.61 -3.41 24.04
C CYS B 140 -12.23 -2.78 23.95
N LEU B 141 -11.89 -1.97 24.94
CA LEU B 141 -10.61 -1.25 24.93
C LEU B 141 -9.61 -1.87 25.90
N VAL B 142 -8.45 -2.25 25.36
CA VAL B 142 -7.37 -2.82 26.16
C VAL B 142 -6.13 -1.95 26.01
N LYS B 143 -5.81 -1.18 27.05
CA LYS B 143 -4.71 -0.22 26.95
C LYS B 143 -3.71 -0.29 28.10
N GLY B 144 -2.48 0.14 27.80
CA GLY B 144 -1.44 0.23 28.80
C GLY B 144 -0.87 -1.10 29.26
N TYR B 145 -0.53 -1.96 28.30
CA TYR B 145 0.07 -3.25 28.63
C TYR B 145 1.41 -3.49 27.94
N PHE B 146 2.22 -4.34 28.54
CA PHE B 146 3.49 -4.76 27.98
C PHE B 146 3.92 -6.08 28.60
N PRO B 147 4.42 -7.01 27.78
CA PRO B 147 4.53 -6.86 26.33
C PRO B 147 3.40 -7.55 25.59
N GLU B 148 3.47 -7.55 24.27
CA GLU B 148 2.59 -8.36 23.44
C GLU B 148 2.94 -9.83 23.67
N PRO B 149 1.98 -10.73 23.42
CA PRO B 149 0.63 -10.47 22.94
C PRO B 149 -0.42 -10.48 24.04
N VAL B 150 -1.63 -10.03 23.70
CA VAL B 150 -2.80 -10.26 24.51
C VAL B 150 -3.76 -11.12 23.70
N THR B 151 -4.64 -11.84 24.38
CA THR B 151 -5.64 -12.65 23.71
C THR B 151 -7.04 -12.16 24.04
N LEU B 152 -7.73 -11.63 23.04
CA LEU B 152 -9.08 -11.12 23.23
C LEU B 152 -10.09 -12.01 22.51
N THR B 153 -11.16 -12.36 23.22
CA THR B 153 -12.24 -13.15 22.63
C THR B 153 -13.58 -12.71 23.17
N TRP B 154 -14.61 -12.76 22.33
CA TRP B 154 -15.96 -12.40 22.73
C TRP B 154 -16.76 -13.64 23.07
N ASN B 155 -17.19 -13.73 24.33
CA ASN B 155 -17.91 -14.90 24.85
C ASN B 155 -17.14 -16.20 24.63
N SER B 156 -17.74 -17.12 23.87
CA SER B 156 -17.10 -18.39 23.57
C SER B 156 -16.65 -18.46 22.11
N GLY B 157 -16.38 -17.30 21.53
CA GLY B 157 -15.90 -17.23 20.17
C GLY B 157 -16.95 -17.58 19.14
N SER B 158 -18.21 -17.30 19.46
CA SER B 158 -19.32 -17.61 18.56
C SER B 158 -19.69 -16.41 17.69
N LEU B 159 -19.30 -15.22 18.14
CA LEU B 159 -19.60 -14.00 17.40
C LEU B 159 -18.42 -13.59 16.52
N SER B 160 -17.43 -14.47 16.43
CA SER B 160 -16.19 -14.20 15.70
C SER B 160 -16.42 -13.86 14.23
N SER B 161 -17.61 -14.15 13.72
CA SER B 161 -17.97 -13.84 12.35
C SER B 161 -17.97 -12.33 12.09
N GLY B 162 -18.29 -11.56 13.12
CA GLY B 162 -18.36 -10.12 12.99
C GLY B 162 -17.43 -9.39 13.94
N VAL B 163 -16.28 -10.00 14.22
CA VAL B 163 -15.31 -9.42 15.16
C VAL B 163 -14.06 -8.90 14.44
N HIS B 164 -13.70 -7.66 14.73
CA HIS B 164 -12.45 -7.09 14.23
C HIS B 164 -11.56 -6.67 15.40
N THR B 165 -10.57 -7.49 15.70
CA THR B 165 -9.58 -7.14 16.73
C THR B 165 -8.37 -6.48 16.08
N PHE B 166 -8.16 -5.21 16.40
CA PHE B 166 -7.15 -4.40 15.73
C PHE B 166 -5.77 -4.58 16.36
N PRO B 167 -4.71 -4.54 15.53
CA PRO B 167 -3.33 -4.67 16.02
C PRO B 167 -2.98 -3.58 17.02
N ALA B 168 -2.22 -3.96 18.05
CA ALA B 168 -1.85 -3.03 19.11
C ALA B 168 -0.99 -1.89 18.59
N VAL B 169 -1.19 -0.71 19.17
CA VAL B 169 -0.34 0.43 18.86
C VAL B 169 0.54 0.75 20.08
N LEU B 170 1.77 1.18 19.81
CA LEU B 170 2.73 1.42 20.89
C LEU B 170 2.90 2.92 21.14
N GLN B 171 2.34 3.40 22.25
CA GLN B 171 2.49 4.79 22.64
C GLN B 171 3.08 4.90 24.04
N SER B 172 4.21 5.59 24.15
CA SER B 172 4.94 5.74 25.40
C SER B 172 5.28 4.39 26.04
N ASP B 173 5.88 3.51 25.23
CA ASP B 173 6.39 2.21 25.69
C ASP B 173 5.32 1.23 26.18
N LEU B 174 4.06 1.58 25.97
CA LEU B 174 2.95 0.70 26.34
C LEU B 174 2.05 0.42 25.15
N TYR B 175 1.46 -0.77 25.11
CA TYR B 175 0.60 -1.16 24.00
C TYR B 175 -0.88 -0.91 24.29
N THR B 176 -1.61 -0.49 23.26
CA THR B 176 -3.04 -0.27 23.37
C THR B 176 -3.77 -0.96 22.22
N LEU B 177 -4.80 -1.71 22.56
CA LEU B 177 -5.56 -2.49 21.58
C LEU B 177 -7.06 -2.30 21.77
N SER B 178 -7.81 -2.35 20.67
CA SER B 178 -9.25 -2.31 20.74
C SER B 178 -9.87 -3.35 19.81
N SER B 179 -11.09 -3.76 20.12
CA SER B 179 -11.78 -4.75 19.30
C SER B 179 -13.26 -4.41 19.16
N SER B 180 -13.81 -4.65 17.98
CA SER B 180 -15.22 -4.41 17.73
C SER B 180 -15.93 -5.72 17.45
N VAL B 181 -17.18 -5.82 17.89
CA VAL B 181 -18.03 -6.94 17.54
C VAL B 181 -19.37 -6.43 17.04
N THR B 182 -19.79 -6.90 15.87
CA THR B 182 -21.05 -6.48 15.29
C THR B 182 -22.05 -7.64 15.23
N VAL B 183 -23.15 -7.49 15.95
CA VAL B 183 -24.22 -8.47 15.95
C VAL B 183 -25.52 -7.80 15.54
N THR B 184 -26.54 -8.59 15.24
CA THR B 184 -27.84 -8.04 14.93
C THR B 184 -28.47 -7.42 16.17
N SER B 185 -29.37 -6.47 15.97
CA SER B 185 -29.93 -5.68 17.07
C SER B 185 -30.77 -6.49 18.05
N SER B 186 -31.16 -7.70 17.66
CA SER B 186 -31.97 -8.56 18.52
C SER B 186 -31.11 -9.36 19.49
N THR B 187 -29.80 -9.33 19.27
CA THR B 187 -28.87 -10.09 20.10
C THR B 187 -28.55 -9.37 21.41
N TRP B 188 -28.29 -8.07 21.31
CA TRP B 188 -27.87 -7.27 22.46
C TRP B 188 -28.82 -6.09 22.63
N PRO B 189 -29.12 -5.72 23.89
CA PRO B 189 -28.62 -6.31 25.13
C PRO B 189 -29.45 -7.49 25.64
N SER B 190 -30.31 -8.05 24.80
CA SER B 190 -31.14 -9.19 25.19
C SER B 190 -30.27 -10.35 25.69
N GLN B 191 -29.23 -10.67 24.92
CA GLN B 191 -28.26 -11.68 25.34
C GLN B 191 -26.99 -10.97 25.81
N SER B 192 -26.32 -11.57 26.79
CA SER B 192 -25.13 -10.97 27.37
C SER B 192 -23.90 -11.16 26.49
N ILE B 193 -23.13 -10.09 26.34
CA ILE B 193 -21.89 -10.13 25.56
C ILE B 193 -20.70 -9.66 26.40
N THR B 194 -19.73 -10.54 26.57
CA THR B 194 -18.60 -10.27 27.45
C THR B 194 -17.27 -10.24 26.69
N CYS B 195 -16.46 -9.24 26.98
CA CYS B 195 -15.11 -9.14 26.41
C CYS B 195 -14.11 -9.85 27.31
N ASN B 196 -13.47 -10.89 26.78
CA ASN B 196 -12.50 -11.66 27.54
C ASN B 196 -11.07 -11.37 27.11
N VAL B 197 -10.25 -10.86 28.02
CA VAL B 197 -8.88 -10.49 27.71
C VAL B 197 -7.89 -11.25 28.59
N ALA B 198 -6.88 -11.85 27.95
CA ALA B 198 -5.84 -12.58 28.67
C ALA B 198 -4.47 -12.03 28.35
N HIS B 199 -3.63 -11.89 29.38
CA HIS B 199 -2.27 -11.41 29.21
C HIS B 199 -1.30 -12.30 29.99
N PRO B 200 -0.65 -13.23 29.30
CA PRO B 200 0.24 -14.24 29.89
C PRO B 200 1.36 -13.66 30.74
N ALA B 201 2.03 -12.63 30.22
CA ALA B 201 3.18 -12.04 30.90
C ALA B 201 2.85 -11.52 32.30
N SER B 202 1.63 -11.02 32.48
CA SER B 202 1.19 -10.53 33.78
C SER B 202 0.26 -11.52 34.46
N SER B 203 0.03 -12.65 33.78
CA SER B 203 -0.88 -13.70 34.26
C SER B 203 -2.24 -13.14 34.64
N THR B 204 -2.72 -12.17 33.86
CA THR B 204 -3.99 -11.53 34.14
C THR B 204 -5.08 -11.99 33.18
N LYS B 205 -6.26 -12.28 33.74
CA LYS B 205 -7.42 -12.61 32.94
C LYS B 205 -8.64 -11.86 33.47
N VAL B 206 -9.19 -11.00 32.63
CA VAL B 206 -10.31 -10.14 33.03
C VAL B 206 -11.50 -10.26 32.08
N ASP B 207 -12.69 -10.35 32.65
CA ASP B 207 -13.92 -10.38 31.86
C ASP B 207 -14.73 -9.10 32.09
N LYS B 208 -15.02 -8.40 31.00
CA LYS B 208 -15.83 -7.18 31.07
C LYS B 208 -17.11 -7.33 30.27
N LYS B 209 -18.24 -7.26 30.97
CA LYS B 209 -19.55 -7.40 30.32
C LYS B 209 -19.99 -6.08 29.72
N ILE B 210 -20.32 -6.09 28.44
CA ILE B 210 -20.79 -4.89 27.76
C ILE B 210 -22.22 -4.58 28.19
N GLU B 211 -22.37 -3.53 29.00
CA GLU B 211 -23.67 -3.15 29.52
C GLU B 211 -24.04 -1.75 29.05
N PRO B 212 -25.34 -1.52 28.79
CA PRO B 212 -25.86 -0.22 28.34
C PRO B 212 -25.45 0.92 29.28
N ARG B 213 -25.25 2.11 28.72
CA ARG B 213 -24.82 3.26 29.51
C ARG B 213 -25.98 3.81 30.35
N GLN C 1 -20.80 -6.67 -27.09
CA GLN C 1 -19.53 -5.99 -26.84
C GLN C 1 -18.47 -6.98 -26.36
N ILE C 2 -17.20 -6.61 -26.52
CA ILE C 2 -16.10 -7.45 -26.10
C ILE C 2 -15.53 -6.99 -24.76
N VAL C 3 -15.48 -7.89 -23.79
CA VAL C 3 -14.91 -7.58 -22.49
C VAL C 3 -13.45 -7.99 -22.41
N MET C 4 -12.58 -7.05 -22.06
CA MET C 4 -11.16 -7.34 -21.92
C MET C 4 -10.81 -7.50 -20.45
N THR C 5 -10.27 -8.67 -20.11
CA THR C 5 -9.90 -8.96 -18.72
C THR C 5 -8.40 -9.08 -18.55
N GLN C 6 -7.83 -8.16 -17.77
CA GLN C 6 -6.39 -8.19 -17.50
C GLN C 6 -6.10 -8.75 -16.11
N SER C 7 -5.02 -9.49 -16.00
CA SER C 7 -4.60 -10.06 -14.73
C SER C 7 -3.08 -10.20 -14.72
N PRO C 8 -2.44 -9.89 -13.57
CA PRO C 8 -3.04 -9.39 -12.34
C PRO C 8 -3.33 -7.89 -12.41
N SER C 9 -3.95 -7.35 -11.36
CA SER C 9 -4.22 -5.92 -11.30
C SER C 9 -2.94 -5.13 -11.02
N SER C 10 -2.10 -5.70 -10.17
CA SER C 10 -0.79 -5.12 -9.88
C SER C 10 0.18 -6.20 -9.42
N LEU C 11 1.46 -5.96 -9.61
CA LEU C 11 2.48 -6.87 -9.11
C LEU C 11 3.77 -6.12 -8.82
N THR C 12 4.50 -6.58 -7.81
CA THR C 12 5.77 -5.97 -7.45
C THR C 12 6.89 -6.98 -7.65
N VAL C 13 7.87 -6.62 -8.47
CA VAL C 13 9.00 -7.50 -8.74
C VAL C 13 10.32 -6.75 -8.57
N THR C 14 11.40 -7.50 -8.41
CA THR C 14 12.74 -6.93 -8.32
C THR C 14 13.33 -6.82 -9.72
N ALA C 15 14.19 -5.84 -9.92
CA ALA C 15 14.82 -5.63 -11.22
C ALA C 15 15.64 -6.84 -11.66
N GLY C 16 15.46 -7.25 -12.92
CA GLY C 16 16.14 -8.41 -13.45
C GLY C 16 15.22 -9.60 -13.59
N GLU C 17 14.06 -9.54 -12.94
CA GLU C 17 13.10 -10.63 -12.98
C GLU C 17 12.23 -10.59 -14.23
N LYS C 18 11.77 -11.77 -14.64
CA LYS C 18 10.87 -11.90 -15.78
C LYS C 18 9.42 -11.69 -15.32
N VAL C 19 8.65 -10.96 -16.12
CA VAL C 19 7.26 -10.68 -15.78
C VAL C 19 6.32 -10.98 -16.94
N THR C 20 5.23 -11.70 -16.65
CA THR C 20 4.22 -11.99 -17.65
C THR C 20 2.84 -11.58 -17.15
N MET C 21 2.11 -10.82 -17.97
CA MET C 21 0.77 -10.37 -17.61
C MET C 21 -0.24 -10.82 -18.66
N SER C 22 -1.44 -11.17 -18.19
CA SER C 22 -2.44 -11.77 -19.05
C SER C 22 -3.52 -10.79 -19.52
N CYS C 23 -3.98 -10.98 -20.75
CA CYS C 23 -5.10 -10.22 -21.28
C CYS C 23 -6.01 -11.16 -22.06
N LYS C 24 -7.25 -11.30 -21.60
CA LYS C 24 -8.20 -12.20 -22.23
C LYS C 24 -9.44 -11.47 -22.73
N SER C 25 -9.89 -11.84 -23.93
CA SER C 25 -11.07 -11.21 -24.53
C SER C 25 -12.25 -12.18 -24.54
N SER C 26 -13.45 -11.64 -24.40
CA SER C 26 -14.66 -12.46 -24.37
C SER C 26 -14.97 -13.06 -25.75
N GLN C 27 -14.46 -12.42 -26.80
CA GLN C 27 -14.61 -12.93 -28.16
C GLN C 27 -13.26 -12.86 -28.86
N SER C 28 -13.13 -13.61 -29.95
CA SER C 28 -11.87 -13.65 -30.69
C SER C 28 -11.56 -12.31 -31.36
N LEU C 29 -10.27 -11.97 -31.42
CA LEU C 29 -9.83 -10.72 -32.03
C LEU C 29 -9.15 -10.99 -33.37
N LEU C 30 -9.34 -12.19 -33.90
CA LEU C 30 -8.70 -12.59 -35.14
C LEU C 30 -9.45 -12.09 -36.36
N ASN C 31 -8.76 -11.36 -37.23
CA ASN C 31 -9.30 -10.95 -38.51
C ASN C 31 -9.12 -12.07 -39.52
N SER C 32 -10.22 -12.54 -40.10
CA SER C 32 -10.18 -13.67 -41.02
C SER C 32 -9.47 -13.34 -42.33
N GLY C 33 -9.48 -12.06 -42.69
CA GLY C 33 -8.94 -11.62 -43.96
C GLY C 33 -7.44 -11.55 -44.05
N ASN C 34 -6.79 -11.07 -42.99
CA ASN C 34 -5.34 -10.94 -42.97
C ASN C 34 -4.66 -11.79 -41.89
N GLN C 35 -5.46 -12.56 -41.17
CA GLN C 35 -4.98 -13.46 -40.12
C GLN C 35 -4.22 -12.76 -38.98
N LYS C 36 -4.50 -11.48 -38.80
CA LYS C 36 -3.90 -10.73 -37.71
C LYS C 36 -4.87 -10.60 -36.54
N ASN C 37 -4.36 -10.83 -35.33
CA ASN C 37 -5.14 -10.59 -34.12
C ASN C 37 -5.03 -9.14 -33.70
N TYR C 38 -6.15 -8.42 -33.73
CA TYR C 38 -6.13 -6.99 -33.43
C TYR C 38 -6.14 -6.72 -31.92
N LEU C 39 -5.02 -7.05 -31.28
CA LEU C 39 -4.83 -6.80 -29.86
C LEU C 39 -3.61 -5.88 -29.69
N THR C 40 -3.77 -4.85 -28.89
CA THR C 40 -2.74 -3.84 -28.73
C THR C 40 -2.35 -3.67 -27.27
N TRP C 41 -1.05 -3.53 -27.00
CA TRP C 41 -0.55 -3.26 -25.66
C TRP C 41 -0.03 -1.83 -25.55
N TYR C 42 -0.37 -1.16 -24.45
CA TYR C 42 0.12 0.19 -24.20
C TYR C 42 0.91 0.25 -22.89
N GLN C 43 1.91 1.11 -22.85
CA GLN C 43 2.64 1.39 -21.62
C GLN C 43 2.35 2.82 -21.17
N GLN C 44 1.85 2.97 -19.95
CA GLN C 44 1.65 4.31 -19.40
C GLN C 44 2.46 4.52 -18.13
N LYS C 45 3.53 5.29 -18.26
CA LYS C 45 4.34 5.68 -17.12
C LYS C 45 3.70 6.89 -16.45
N PRO C 46 3.87 7.02 -15.11
CA PRO C 46 3.27 8.10 -14.33
C PRO C 46 3.48 9.49 -14.92
N GLY C 47 2.38 10.19 -15.21
CA GLY C 47 2.43 11.55 -15.69
C GLY C 47 2.50 11.68 -17.21
N GLN C 48 2.58 10.56 -17.89
CA GLN C 48 2.70 10.56 -19.35
C GLN C 48 1.49 9.92 -20.02
N PRO C 49 1.23 10.28 -21.29
CA PRO C 49 0.18 9.61 -22.06
C PRO C 49 0.56 8.17 -22.35
N PRO C 50 -0.42 7.32 -22.68
CA PRO C 50 -0.14 5.93 -23.04
C PRO C 50 0.78 5.83 -24.25
N LYS C 51 1.72 4.89 -24.21
CA LYS C 51 2.66 4.69 -25.31
C LYS C 51 2.48 3.30 -25.92
N LEU C 52 2.46 3.24 -27.25
CA LEU C 52 2.31 1.98 -27.95
C LEU C 52 3.54 1.08 -27.77
N LEU C 53 3.29 -0.15 -27.32
CA LEU C 53 4.35 -1.15 -27.21
C LEU C 53 4.20 -2.19 -28.31
N ILE C 54 3.06 -2.86 -28.31
CA ILE C 54 2.81 -3.98 -29.22
C ILE C 54 1.48 -3.80 -29.93
N TYR C 55 1.47 -4.06 -31.24
CA TYR C 55 0.22 -4.11 -31.99
C TYR C 55 0.16 -5.42 -32.78
N TRP C 56 -1.03 -5.76 -33.27
CA TRP C 56 -1.28 -7.05 -33.92
C TRP C 56 -0.85 -8.20 -33.00
N ALA C 57 -1.04 -8.00 -31.70
CA ALA C 57 -0.75 -8.98 -30.66
C ALA C 57 0.73 -9.26 -30.40
N SER C 58 1.55 -9.26 -31.45
CA SER C 58 2.94 -9.69 -31.31
C SER C 58 3.96 -8.80 -32.02
N THR C 59 3.51 -7.75 -32.69
CA THR C 59 4.41 -6.88 -33.43
C THR C 59 4.88 -5.70 -32.58
N ARG C 60 6.17 -5.67 -32.30
CA ARG C 60 6.75 -4.63 -31.46
C ARG C 60 6.95 -3.32 -32.23
N GLU C 61 6.47 -2.23 -31.64
CA GLU C 61 6.62 -0.90 -32.23
C GLU C 61 8.08 -0.49 -32.28
N SER C 62 8.45 0.26 -33.31
CA SER C 62 9.82 0.76 -33.44
C SER C 62 10.20 1.63 -32.24
N GLY C 63 11.39 1.40 -31.71
CA GLY C 63 11.87 2.17 -30.58
C GLY C 63 11.70 1.45 -29.26
N VAL C 64 10.75 0.51 -29.23
CA VAL C 64 10.50 -0.27 -28.02
C VAL C 64 11.61 -1.30 -27.81
N PRO C 65 12.19 -1.33 -26.60
CA PRO C 65 13.25 -2.27 -26.24
C PRO C 65 12.85 -3.72 -26.48
N ASP C 66 13.82 -4.56 -26.82
CA ASP C 66 13.56 -5.94 -27.20
C ASP C 66 13.07 -6.81 -26.04
N ARG C 67 13.17 -6.31 -24.82
CA ARG C 67 12.73 -7.07 -23.65
C ARG C 67 11.21 -7.16 -23.57
N PHE C 68 10.52 -6.32 -24.36
CA PHE C 68 9.07 -6.38 -24.45
C PHE C 68 8.63 -7.24 -25.62
N THR C 69 7.87 -8.29 -25.34
CA THR C 69 7.29 -9.13 -26.39
C THR C 69 5.83 -9.46 -26.08
N GLY C 70 5.02 -9.50 -27.11
CA GLY C 70 3.62 -9.87 -26.97
C GLY C 70 3.35 -11.20 -27.66
N SER C 71 2.46 -12.00 -27.08
CA SER C 71 2.13 -13.29 -27.66
C SER C 71 0.66 -13.64 -27.44
N GLY C 72 0.18 -14.63 -28.19
CA GLY C 72 -1.19 -15.09 -28.07
C GLY C 72 -1.98 -14.95 -29.36
N SER C 73 -3.19 -15.49 -29.34
CA SER C 73 -4.09 -15.42 -30.50
C SER C 73 -5.50 -15.77 -30.06
N GLY C 74 -6.49 -15.34 -30.84
CA GLY C 74 -7.87 -15.63 -30.53
C GLY C 74 -8.40 -14.83 -29.35
N THR C 75 -8.42 -15.45 -28.18
CA THR C 75 -8.97 -14.82 -26.99
C THR C 75 -7.99 -14.74 -25.83
N ASP C 76 -6.81 -15.32 -25.99
CA ASP C 76 -5.82 -15.35 -24.91
C ASP C 76 -4.51 -14.70 -25.32
N PHE C 77 -4.09 -13.68 -24.57
CA PHE C 77 -2.90 -12.91 -24.91
C PHE C 77 -2.04 -12.63 -23.69
N THR C 78 -0.73 -12.46 -23.91
CA THR C 78 0.19 -12.17 -22.83
C THR C 78 1.23 -11.13 -23.24
N LEU C 79 1.59 -10.27 -22.30
CA LEU C 79 2.74 -9.37 -22.48
C LEU C 79 3.86 -9.86 -21.57
N THR C 80 5.06 -9.92 -22.11
CA THR C 80 6.20 -10.41 -21.33
C THR C 80 7.36 -9.41 -21.31
N ILE C 81 7.90 -9.16 -20.13
CA ILE C 81 9.13 -8.41 -19.99
C ILE C 81 10.22 -9.38 -19.53
N SER C 82 11.18 -9.64 -20.41
CA SER C 82 12.19 -10.67 -20.16
C SER C 82 13.08 -10.36 -18.96
N SER C 83 13.39 -9.07 -18.77
CA SER C 83 14.21 -8.64 -17.65
C SER C 83 13.81 -7.24 -17.23
N VAL C 84 12.98 -7.16 -16.21
CA VAL C 84 12.42 -5.89 -15.75
C VAL C 84 13.50 -4.91 -15.27
N GLN C 85 13.44 -3.70 -15.80
CA GLN C 85 14.34 -2.63 -15.38
C GLN C 85 13.56 -1.61 -14.55
N ALA C 86 14.28 -0.71 -13.89
CA ALA C 86 13.67 0.30 -13.04
C ALA C 86 12.70 1.19 -13.81
N GLU C 87 13.03 1.48 -15.06
CA GLU C 87 12.23 2.38 -15.88
C GLU C 87 10.94 1.73 -16.39
N ASP C 88 10.78 0.44 -16.16
CA ASP C 88 9.59 -0.28 -16.61
C ASP C 88 8.42 -0.06 -15.67
N LEU C 89 8.64 0.72 -14.63
CA LEU C 89 7.57 1.14 -13.73
C LEU C 89 6.47 1.84 -14.51
N ALA C 90 5.32 1.19 -14.62
CA ALA C 90 4.20 1.72 -15.39
C ALA C 90 2.94 0.89 -15.19
N VAL C 91 1.84 1.36 -15.74
CA VAL C 91 0.64 0.54 -15.87
C VAL C 91 0.52 0.10 -17.33
N TYR C 92 0.35 -1.20 -17.54
CA TYR C 92 0.26 -1.74 -18.89
C TYR C 92 -1.17 -2.09 -19.24
N TYR C 93 -1.62 -1.61 -20.39
CA TYR C 93 -3.00 -1.79 -20.83
C TYR C 93 -3.08 -2.56 -22.15
N CYS C 94 -4.05 -3.46 -22.25
CA CYS C 94 -4.36 -4.08 -23.53
C CYS C 94 -5.67 -3.50 -24.05
N GLN C 95 -5.83 -3.49 -25.36
CA GLN C 95 -7.05 -2.96 -25.97
C GLN C 95 -7.55 -3.82 -27.12
N ASN C 96 -8.86 -4.04 -27.16
CA ASN C 96 -9.51 -4.63 -28.30
C ASN C 96 -9.55 -3.62 -29.45
N ASP C 97 -8.81 -3.90 -30.52
CA ASP C 97 -8.83 -3.06 -31.70
C ASP C 97 -9.41 -3.81 -32.90
N TYR C 98 -10.27 -4.78 -32.60
CA TYR C 98 -10.86 -5.62 -33.64
C TYR C 98 -12.24 -5.15 -34.05
N SER C 99 -13.10 -4.91 -33.07
CA SER C 99 -14.46 -4.45 -33.34
C SER C 99 -14.95 -3.45 -32.30
N TYR C 100 -15.67 -2.44 -32.76
CA TYR C 100 -16.20 -1.41 -31.87
C TYR C 100 -17.30 -1.97 -30.97
N PRO C 101 -17.35 -1.52 -29.70
CA PRO C 101 -16.46 -0.51 -29.10
C PRO C 101 -15.08 -1.07 -28.74
N LEU C 102 -14.05 -0.24 -28.87
CA LEU C 102 -12.68 -0.68 -28.65
C LEU C 102 -12.32 -0.66 -27.16
N THR C 103 -12.75 -1.69 -26.44
CA THR C 103 -12.61 -1.75 -25.00
C THR C 103 -11.17 -1.94 -24.50
N PHE C 104 -10.87 -1.32 -23.36
CA PHE C 104 -9.58 -1.48 -22.70
C PHE C 104 -9.68 -2.51 -21.59
N GLY C 105 -8.56 -3.17 -21.29
CA GLY C 105 -8.45 -3.97 -20.09
C GLY C 105 -8.29 -3.04 -18.90
N ALA C 106 -8.47 -3.56 -17.69
CA ALA C 106 -8.39 -2.73 -16.49
C ALA C 106 -6.96 -2.30 -16.16
N GLY C 107 -6.00 -2.93 -16.82
CA GLY C 107 -4.60 -2.57 -16.65
C GLY C 107 -3.87 -3.39 -15.61
N THR C 108 -2.55 -3.49 -15.77
CA THR C 108 -1.70 -4.15 -14.79
C THR C 108 -0.60 -3.18 -14.36
N LYS C 109 -0.61 -2.84 -13.07
CA LYS C 109 0.38 -1.91 -12.54
C LYS C 109 1.64 -2.64 -12.11
N LEU C 110 2.77 -2.32 -12.75
CA LEU C 110 4.04 -2.94 -12.41
C LEU C 110 4.83 -2.06 -11.45
N GLU C 111 5.04 -2.55 -10.24
CA GLU C 111 5.82 -1.84 -9.24
C GLU C 111 7.15 -2.54 -9.00
N LEU C 112 8.12 -1.82 -8.46
CA LEU C 112 9.43 -2.40 -8.24
C LEU C 112 9.81 -2.55 -6.77
N LYS C 113 10.46 -3.65 -6.45
CA LYS C 113 11.02 -3.85 -5.13
C LYS C 113 12.52 -3.68 -5.19
N ARG C 114 13.07 -2.99 -4.21
CA ARG C 114 14.51 -2.78 -4.12
C ARG C 114 14.96 -2.94 -2.66
N ALA C 115 16.25 -2.75 -2.42
CA ALA C 115 16.77 -2.83 -1.06
C ALA C 115 16.22 -1.69 -0.23
N ASP C 116 16.07 -1.91 1.07
CA ASP C 116 15.63 -0.87 1.99
C ASP C 116 16.59 0.31 1.93
N ALA C 117 16.06 1.51 2.10
CA ALA C 117 16.88 2.72 2.04
C ALA C 117 16.36 3.78 3.00
N ALA C 118 17.29 4.39 3.73
CA ALA C 118 16.96 5.45 4.68
C ALA C 118 16.78 6.78 3.96
N PRO C 119 15.78 7.57 4.38
CA PRO C 119 15.53 8.87 3.76
C PRO C 119 16.59 9.89 4.17
N THR C 120 16.88 10.83 3.27
CA THR C 120 17.67 11.98 3.63
C THR C 120 16.70 13.08 4.01
N VAL C 121 16.80 13.56 5.25
CA VAL C 121 15.83 14.50 5.78
C VAL C 121 16.35 15.94 5.79
N SER C 122 15.49 16.88 5.40
CA SER C 122 15.80 18.29 5.44
C SER C 122 14.60 19.09 5.93
N ILE C 123 14.82 20.01 6.86
CA ILE C 123 13.73 20.79 7.43
C ILE C 123 13.87 22.28 7.10
N PHE C 124 12.74 22.92 6.84
CA PHE C 124 12.74 24.33 6.42
C PHE C 124 11.78 25.18 7.23
N PRO C 125 12.33 26.13 8.01
CA PRO C 125 11.53 27.12 8.73
C PRO C 125 10.75 27.97 7.75
N PRO C 126 9.67 28.62 8.20
CA PRO C 126 8.89 29.51 7.35
C PRO C 126 9.77 30.58 6.70
N SER C 127 9.45 30.94 5.46
CA SER C 127 10.16 31.99 4.77
C SER C 127 9.73 33.35 5.30
N SER C 128 10.57 34.37 5.12
CA SER C 128 10.24 35.71 5.53
C SER C 128 9.02 36.22 4.76
N GLU C 129 8.91 35.80 3.50
CA GLU C 129 7.80 36.19 2.65
C GLU C 129 6.46 35.71 3.21
N GLN C 130 6.42 34.49 3.73
CA GLN C 130 5.18 33.93 4.26
C GLN C 130 4.80 34.54 5.60
N LEU C 131 5.79 34.75 6.46
CA LEU C 131 5.56 35.38 7.75
C LEU C 131 5.01 36.79 7.58
N THR C 132 5.48 37.46 6.53
CA THR C 132 5.00 38.79 6.19
C THR C 132 3.51 38.76 5.84
N SER C 133 3.07 37.66 5.23
CA SER C 133 1.66 37.51 4.88
C SER C 133 0.83 37.15 6.11
N GLY C 134 1.50 36.79 7.20
CA GLY C 134 0.82 36.49 8.45
C GLY C 134 0.62 35.00 8.66
N GLY C 135 1.22 34.19 7.80
CA GLY C 135 1.11 32.74 7.92
C GLY C 135 2.46 32.12 8.21
N ALA C 136 2.46 30.81 8.43
CA ALA C 136 3.71 30.10 8.71
C ALA C 136 3.60 28.61 8.39
N SER C 137 4.51 28.14 7.55
CA SER C 137 4.58 26.71 7.23
C SER C 137 5.98 26.19 7.48
N VAL C 138 6.07 25.03 8.14
CA VAL C 138 7.33 24.34 8.29
C VAL C 138 7.27 23.09 7.42
N VAL C 139 8.14 23.04 6.41
CA VAL C 139 8.14 21.89 5.51
C VAL C 139 9.33 20.98 5.77
N CYS C 140 9.09 19.68 5.66
CA CYS C 140 10.13 18.68 5.86
C CYS C 140 10.15 17.75 4.66
N PHE C 141 11.34 17.54 4.10
CA PHE C 141 11.48 16.63 2.97
C PHE C 141 12.16 15.32 3.40
N LEU C 142 11.56 14.21 2.99
CA LEU C 142 12.15 12.90 3.22
C LEU C 142 12.43 12.29 1.85
N ASN C 143 13.68 12.33 1.42
CA ASN C 143 14.04 11.96 0.06
C ASN C 143 14.74 10.62 -0.11
N ASN C 144 14.39 9.92 -1.19
CA ASN C 144 15.08 8.71 -1.61
C ASN C 144 15.08 7.58 -0.59
N PHE C 145 13.89 7.15 -0.18
CA PHE C 145 13.76 6.06 0.78
C PHE C 145 12.99 4.88 0.20
N TYR C 146 13.01 3.76 0.90
CA TYR C 146 12.25 2.57 0.54
C TYR C 146 12.16 1.65 1.76
N PRO C 147 10.99 1.03 1.98
CA PRO C 147 9.77 1.07 1.18
C PRO C 147 8.94 2.34 1.38
N LYS C 148 7.74 2.35 0.81
CA LYS C 148 6.92 3.56 0.79
C LYS C 148 6.31 3.93 2.14
N ASP C 149 5.89 2.92 2.91
CA ASP C 149 5.16 3.18 4.16
C ASP C 149 6.05 3.69 5.30
N ILE C 150 6.80 4.75 5.04
CA ILE C 150 7.60 5.38 6.08
C ILE C 150 6.70 6.18 7.01
N ASN C 151 7.16 6.44 8.22
CA ASN C 151 6.37 7.19 9.19
C ASN C 151 7.03 8.49 9.63
N VAL C 152 6.36 9.60 9.35
CA VAL C 152 6.87 10.92 9.74
C VAL C 152 6.20 11.41 11.02
N LYS C 153 7.00 11.92 11.94
CA LYS C 153 6.48 12.46 13.20
C LYS C 153 7.00 13.87 13.44
N TRP C 154 6.11 14.77 13.84
CA TRP C 154 6.48 16.14 14.15
C TRP C 154 6.52 16.38 15.65
N LYS C 155 7.54 17.09 16.11
CA LYS C 155 7.61 17.55 17.49
C LYS C 155 7.76 19.06 17.55
N ILE C 156 6.96 19.70 18.40
CA ILE C 156 7.11 21.13 18.66
C ILE C 156 7.38 21.32 20.14
N ASP C 157 8.52 21.94 20.44
CA ASP C 157 8.99 22.12 21.82
C ASP C 157 9.07 20.80 22.58
N GLY C 158 9.43 19.73 21.87
CA GLY C 158 9.61 18.43 22.48
C GLY C 158 8.33 17.61 22.58
N SER C 159 7.20 18.22 22.24
CA SER C 159 5.91 17.54 22.31
C SER C 159 5.37 17.19 20.93
N GLU C 160 4.80 15.99 20.82
CA GLU C 160 4.28 15.50 19.54
C GLU C 160 3.10 16.34 19.05
N ARG C 161 3.03 16.54 17.74
CA ARG C 161 1.93 17.29 17.15
C ARG C 161 1.53 16.73 15.79
N GLN C 162 0.23 16.58 15.58
CA GLN C 162 -0.30 16.08 14.31
C GLN C 162 -1.19 17.13 13.64
N ASN C 163 -1.56 18.15 14.41
CA ASN C 163 -2.42 19.21 13.90
C ASN C 163 -1.75 20.08 12.85
N GLY C 164 -2.41 20.24 11.71
CA GLY C 164 -1.91 21.08 10.63
C GLY C 164 -0.86 20.41 9.77
N VAL C 165 -0.78 19.08 9.87
CA VAL C 165 0.20 18.32 9.12
C VAL C 165 -0.42 17.63 7.90
N LEU C 166 0.09 17.94 6.71
CA LEU C 166 -0.32 17.23 5.50
C LEU C 166 0.88 16.64 4.77
N ASN C 167 0.72 15.40 4.29
CA ASN C 167 1.81 14.68 3.64
C ASN C 167 1.55 14.43 2.17
N SER C 168 2.62 14.27 1.40
CA SER C 168 2.50 14.00 -0.02
C SER C 168 3.66 13.14 -0.54
N TRP C 169 3.33 11.95 -1.03
CA TRP C 169 4.31 11.03 -1.59
C TRP C 169 4.44 11.19 -3.09
N THR C 170 5.67 11.12 -3.60
CA THR C 170 5.88 11.03 -5.04
C THR C 170 5.62 9.61 -5.49
N ASP C 171 5.46 9.41 -6.79
CA ASP C 171 5.43 8.07 -7.35
C ASP C 171 6.83 7.48 -7.23
N GLN C 172 6.95 6.17 -7.42
CA GLN C 172 8.24 5.51 -7.36
C GLN C 172 9.17 6.09 -8.42
N ASP C 173 10.46 6.19 -8.10
CA ASP C 173 11.43 6.78 -9.00
C ASP C 173 11.74 5.83 -10.16
N SER C 174 11.78 6.37 -11.37
CA SER C 174 11.98 5.55 -12.56
C SER C 174 13.43 5.10 -12.74
N LYS C 175 14.34 5.63 -11.93
CA LYS C 175 15.75 5.28 -12.05
C LYS C 175 16.29 4.44 -10.90
N ASP C 176 15.99 4.82 -9.66
CA ASP C 176 16.49 4.08 -8.50
C ASP C 176 15.38 3.40 -7.69
N SER C 177 14.14 3.53 -8.16
CA SER C 177 12.99 2.86 -7.54
C SER C 177 12.72 3.27 -6.09
N THR C 178 13.24 4.43 -5.70
CA THR C 178 13.00 4.93 -4.35
C THR C 178 11.77 5.81 -4.30
N TYR C 179 11.35 6.17 -3.09
CA TYR C 179 10.26 7.10 -2.89
C TYR C 179 10.77 8.37 -2.22
N SER C 180 9.98 9.43 -2.33
CA SER C 180 10.22 10.66 -1.60
C SER C 180 8.89 11.20 -1.12
N MET C 181 8.91 11.93 0.00
CA MET C 181 7.67 12.51 0.50
C MET C 181 7.93 13.84 1.20
N SER C 182 6.95 14.72 1.14
CA SER C 182 7.03 16.00 1.84
C SER C 182 6.03 16.02 2.98
N SER C 183 6.45 16.57 4.11
CA SER C 183 5.56 16.75 5.24
C SER C 183 5.53 18.23 5.61
N THR C 184 4.34 18.84 5.52
CA THR C 184 4.21 20.26 5.75
C THR C 184 3.36 20.58 6.97
N LEU C 185 3.97 21.25 7.94
CA LEU C 185 3.27 21.68 9.15
C LEU C 185 2.85 23.14 9.01
N THR C 186 1.57 23.39 8.88
CA THR C 186 1.05 24.75 8.75
C THR C 186 0.39 25.24 10.03
N LEU C 187 0.81 26.42 10.47
CA LEU C 187 0.21 27.06 11.64
C LEU C 187 0.19 28.57 11.44
N THR C 188 -0.50 29.27 12.32
CA THR C 188 -0.53 30.74 12.27
C THR C 188 0.84 31.28 12.64
N LYS C 189 1.12 32.51 12.24
CA LYS C 189 2.38 33.15 12.61
C LYS C 189 2.46 33.28 14.13
N ASP C 190 1.33 33.62 14.75
CA ASP C 190 1.22 33.72 16.20
C ASP C 190 1.67 32.44 16.89
N GLU C 191 1.12 31.32 16.44
CA GLU C 191 1.44 30.02 17.02
C GLU C 191 2.90 29.66 16.78
N TYR C 192 3.42 30.05 15.62
CA TYR C 192 4.82 29.80 15.28
C TYR C 192 5.77 30.59 16.19
N GLU C 193 5.38 31.82 16.50
CA GLU C 193 6.22 32.70 17.32
C GLU C 193 6.18 32.32 18.80
N ARG C 194 5.14 31.58 19.20
CA ARG C 194 4.99 31.16 20.59
C ARG C 194 5.93 30.02 20.95
N HIS C 195 6.23 29.18 19.96
CA HIS C 195 7.12 28.04 20.17
C HIS C 195 8.52 28.34 19.65
N ASN C 196 9.48 27.49 20.02
CA ASN C 196 10.87 27.71 19.63
C ASN C 196 11.47 26.54 18.86
N SER C 197 11.32 25.34 19.40
CA SER C 197 11.91 24.15 18.79
C SER C 197 10.95 23.43 17.85
N TYR C 198 11.44 23.07 16.67
CA TYR C 198 10.64 22.35 15.69
C TYR C 198 11.40 21.14 15.17
N THR C 199 10.75 19.98 15.20
CA THR C 199 11.42 18.72 14.86
C THR C 199 10.61 17.87 13.89
N CYS C 200 11.26 17.43 12.82
CA CYS C 200 10.66 16.48 11.88
C CYS C 200 11.50 15.21 11.89
N GLU C 201 10.85 14.06 12.04
CA GLU C 201 11.59 12.80 12.11
C GLU C 201 10.89 11.63 11.40
N ALA C 202 11.69 10.80 10.75
CA ALA C 202 11.20 9.58 10.12
C ALA C 202 11.40 8.40 11.05
N THR C 203 10.37 7.58 11.21
CA THR C 203 10.44 6.44 12.11
C THR C 203 10.11 5.14 11.39
N PRO C 210 15.53 6.35 14.43
CA PRO C 210 14.83 7.56 13.93
C PRO C 210 15.78 8.56 13.31
N ILE C 211 15.46 9.03 12.10
CA ILE C 211 16.27 10.03 11.43
C ILE C 211 15.65 11.41 11.67
N VAL C 212 16.41 12.29 12.31
CA VAL C 212 15.86 13.54 12.84
C VAL C 212 16.52 14.79 12.28
N LYS C 213 15.70 15.76 11.91
CA LYS C 213 16.17 17.11 11.60
C LYS C 213 15.38 18.11 12.44
N SER C 214 16.08 19.10 13.00
CA SER C 214 15.43 20.05 13.89
C SER C 214 16.06 21.43 13.82
N PHE C 215 15.33 22.43 14.30
CA PHE C 215 15.85 23.79 14.38
C PHE C 215 15.16 24.56 15.51
N ASN C 216 15.81 25.60 15.98
CA ASN C 216 15.20 26.53 16.92
C ASN C 216 14.93 27.85 16.23
N ARG C 217 13.70 28.35 16.37
CA ARG C 217 13.30 29.62 15.76
C ARG C 217 14.26 30.74 16.14
N ASN C 218 14.85 31.38 15.14
CA ASN C 218 15.82 32.46 15.33
C ASN C 218 16.98 32.09 16.25
N GLU C 219 17.78 31.11 15.83
CA GLU C 219 18.97 30.74 16.58
C GLU C 219 19.99 30.07 15.65
N PCA D 1 6.35 13.21 -39.81
CA PCA D 1 6.05 12.58 -38.53
CB PCA D 1 7.01 13.07 -37.45
CG PCA D 1 7.67 14.32 -37.99
CD PCA D 1 7.31 14.26 -39.46
OE PCA D 1 7.81 15.03 -40.27
C PCA D 1 4.65 12.93 -38.09
O PCA D 1 4.24 14.09 -38.13
N VAL D 2 3.89 11.92 -37.67
CA VAL D 2 2.51 12.13 -37.22
C VAL D 2 2.47 12.84 -35.87
N GLN D 3 1.72 13.93 -35.81
CA GLN D 3 1.58 14.70 -34.58
C GLN D 3 0.12 15.04 -34.30
N LEU D 4 -0.28 14.90 -33.04
CA LEU D 4 -1.62 15.27 -32.61
C LEU D 4 -1.55 16.33 -31.52
N GLN D 5 -2.03 17.53 -31.83
CA GLN D 5 -1.98 18.64 -30.88
C GLN D 5 -3.34 18.88 -30.24
N GLN D 6 -3.44 18.60 -28.95
CA GLN D 6 -4.69 18.78 -28.23
C GLN D 6 -4.77 20.17 -27.61
N SER D 7 -5.99 20.65 -27.38
CA SER D 7 -6.22 21.97 -26.81
C SER D 7 -5.86 22.04 -25.33
N GLY D 8 -5.86 23.25 -24.78
CA GLY D 8 -5.44 23.48 -23.41
C GLY D 8 -6.44 23.02 -22.36
N ALA D 9 -5.98 22.97 -21.12
CA ALA D 9 -6.82 22.56 -20.00
C ALA D 9 -7.98 23.53 -19.79
N GLU D 10 -9.10 23.01 -19.32
CA GLU D 10 -10.29 23.84 -19.13
C GLU D 10 -10.92 23.64 -17.75
N LEU D 11 -11.54 24.69 -17.25
CA LEU D 11 -12.32 24.64 -16.02
C LEU D 11 -13.77 24.93 -16.37
N ALA D 12 -14.68 24.09 -15.90
CA ALA D 12 -16.09 24.26 -16.22
C ALA D 12 -16.98 24.03 -15.01
N ARG D 13 -18.08 24.76 -14.94
CA ARG D 13 -19.05 24.60 -13.86
C ARG D 13 -19.90 23.37 -14.14
N PRO D 14 -20.45 22.75 -13.09
CA PRO D 14 -21.39 21.65 -13.27
C PRO D 14 -22.59 22.08 -14.12
N GLY D 15 -22.97 21.25 -15.09
CA GLY D 15 -24.09 21.56 -15.95
C GLY D 15 -23.67 22.23 -17.25
N ALA D 16 -22.41 22.65 -17.32
CA ALA D 16 -21.90 23.33 -18.51
C ALA D 16 -21.46 22.34 -19.59
N SER D 17 -20.87 22.86 -20.65
CA SER D 17 -20.40 22.04 -21.75
C SER D 17 -19.05 22.53 -22.23
N VAL D 18 -18.19 21.59 -22.65
CA VAL D 18 -16.88 21.96 -23.19
C VAL D 18 -16.63 21.28 -24.54
N LYS D 19 -15.84 21.95 -25.37
CA LYS D 19 -15.47 21.40 -26.67
C LYS D 19 -13.96 21.27 -26.75
N LEU D 20 -13.48 20.03 -26.79
CA LEU D 20 -12.05 19.75 -26.85
C LEU D 20 -11.63 19.55 -28.29
N SER D 21 -10.42 19.98 -28.64
CA SER D 21 -9.95 19.85 -30.01
C SER D 21 -8.69 18.99 -30.13
N CYS D 22 -8.48 18.43 -31.30
CA CYS D 22 -7.34 17.58 -31.58
C CYS D 22 -6.90 17.77 -33.03
N LYS D 23 -5.92 18.65 -33.23
CA LYS D 23 -5.46 18.94 -34.59
C LYS D 23 -4.38 17.95 -35.04
N ALA D 24 -4.60 17.33 -36.19
CA ALA D 24 -3.70 16.32 -36.71
C ALA D 24 -2.81 16.86 -37.84
N SER D 25 -1.61 16.28 -37.95
CA SER D 25 -0.69 16.62 -39.03
C SER D 25 0.24 15.44 -39.27
N GLY D 26 0.87 15.42 -40.44
CA GLY D 26 1.84 14.38 -40.75
C GLY D 26 1.24 13.17 -41.44
N TYR D 27 -0.07 13.20 -41.67
CA TYR D 27 -0.76 12.12 -42.36
C TYR D 27 -2.09 12.64 -42.92
N THR D 28 -2.74 11.82 -43.74
CA THR D 28 -4.04 12.19 -44.30
C THR D 28 -5.13 11.98 -43.27
N PHE D 29 -5.60 13.09 -42.71
CA PHE D 29 -6.59 13.10 -41.63
C PHE D 29 -7.83 12.26 -41.91
N THR D 30 -8.27 12.25 -43.17
CA THR D 30 -9.52 11.60 -43.55
C THR D 30 -9.40 10.09 -43.80
N SER D 31 -8.18 9.58 -43.79
CA SER D 31 -7.95 8.18 -44.17
C SER D 31 -7.88 7.23 -42.97
N TYR D 32 -7.92 7.78 -41.76
CA TYR D 32 -7.78 6.97 -40.56
C TYR D 32 -8.84 7.34 -39.52
N TRP D 33 -9.21 6.40 -38.67
CA TRP D 33 -10.13 6.68 -37.57
C TRP D 33 -9.39 7.26 -36.37
N MET D 34 -9.99 8.26 -35.75
CA MET D 34 -9.43 8.89 -34.55
C MET D 34 -10.25 8.48 -33.35
N GLN D 35 -9.59 7.98 -32.31
CA GLN D 35 -10.31 7.56 -31.11
C GLN D 35 -10.07 8.51 -29.93
N TRP D 36 -11.07 8.59 -29.05
CA TRP D 36 -10.98 9.42 -27.85
C TRP D 36 -11.03 8.56 -26.59
N VAL D 37 -10.14 8.85 -25.65
CA VAL D 37 -9.99 8.03 -24.44
C VAL D 37 -10.00 8.90 -23.19
N LYS D 38 -10.70 8.44 -22.16
CA LYS D 38 -10.79 9.17 -20.89
C LYS D 38 -10.02 8.45 -19.79
N GLN D 39 -9.33 9.21 -18.94
CA GLN D 39 -8.64 8.65 -17.79
C GLN D 39 -8.87 9.47 -16.53
N ARG D 40 -9.62 8.88 -15.59
CA ARG D 40 -9.83 9.49 -14.28
C ARG D 40 -8.56 9.36 -13.45
N PRO D 41 -8.34 10.29 -12.51
CA PRO D 41 -7.16 10.25 -11.63
C PRO D 41 -7.00 8.90 -10.93
N GLY D 42 -5.86 8.25 -11.16
CA GLY D 42 -5.57 6.98 -10.52
C GLY D 42 -6.34 5.81 -11.09
N GLN D 43 -7.13 6.08 -12.13
CA GLN D 43 -7.97 5.04 -12.74
C GLN D 43 -7.45 4.62 -14.11
N GLY D 44 -8.11 3.64 -14.70
CA GLY D 44 -7.67 3.10 -15.98
C GLY D 44 -8.17 3.89 -17.18
N LEU D 45 -7.79 3.43 -18.37
CA LEU D 45 -8.21 4.07 -19.60
C LEU D 45 -9.63 3.63 -19.97
N GLU D 46 -10.45 4.59 -20.38
CA GLU D 46 -11.81 4.28 -20.83
C GLU D 46 -12.00 4.78 -22.25
N TRP D 47 -12.40 3.88 -23.13
CA TRP D 47 -12.67 4.24 -24.52
C TRP D 47 -13.99 5.02 -24.59
N ILE D 48 -13.94 6.19 -25.20
CA ILE D 48 -15.12 7.03 -25.32
C ILE D 48 -15.81 6.81 -26.66
N GLY D 49 -15.04 6.93 -27.73
CA GLY D 49 -15.56 6.74 -29.07
C GLY D 49 -14.52 6.95 -30.14
N ALA D 50 -14.95 6.85 -31.40
CA ALA D 50 -14.07 7.05 -32.54
C ALA D 50 -14.80 7.72 -33.67
N ILE D 51 -14.04 8.33 -34.58
CA ILE D 51 -14.64 9.00 -35.74
C ILE D 51 -13.81 8.78 -37.00
N TYR D 52 -14.49 8.54 -38.11
CA TYR D 52 -13.85 8.48 -39.42
C TYR D 52 -14.12 9.80 -40.14
N PRO D 53 -13.14 10.72 -40.10
CA PRO D 53 -13.30 12.06 -40.69
C PRO D 53 -13.64 12.01 -42.18
N GLY D 54 -13.21 10.94 -42.85
CA GLY D 54 -13.45 10.79 -44.28
C GLY D 54 -14.92 10.80 -44.65
N ASP D 55 -15.74 10.11 -43.85
CA ASP D 55 -17.17 10.01 -44.15
C ASP D 55 -18.05 10.43 -42.97
N GLY D 56 -17.43 10.83 -41.86
CA GLY D 56 -18.16 11.30 -40.71
C GLY D 56 -18.76 10.19 -39.85
N ASP D 57 -18.39 8.94 -40.14
CA ASP D 57 -18.85 7.82 -39.35
C ASP D 57 -18.36 7.93 -37.91
N THR D 58 -19.25 7.62 -36.96
CA THR D 58 -18.90 7.70 -35.55
C THR D 58 -19.33 6.45 -34.79
N ARG D 59 -18.58 6.13 -33.73
CA ARG D 59 -18.91 5.02 -32.85
C ARG D 59 -18.78 5.48 -31.41
N TYR D 60 -19.67 4.99 -30.54
CA TYR D 60 -19.64 5.37 -29.14
C TYR D 60 -19.82 4.15 -28.23
N THR D 61 -19.30 4.25 -27.02
CA THR D 61 -19.54 3.23 -26.01
C THR D 61 -20.81 3.62 -25.23
N GLN D 62 -21.44 2.65 -24.59
CA GLN D 62 -22.70 2.86 -23.90
C GLN D 62 -22.62 3.92 -22.80
N LYS D 63 -21.54 3.89 -22.04
CA LYS D 63 -21.38 4.78 -20.90
C LYS D 63 -21.35 6.26 -21.28
N PHE D 64 -20.80 6.56 -22.46
CA PHE D 64 -20.63 7.94 -22.88
C PHE D 64 -21.63 8.35 -23.96
N LYS D 65 -22.68 7.56 -24.12
CA LYS D 65 -23.75 7.90 -25.06
C LYS D 65 -24.50 9.12 -24.56
N GLY D 66 -24.50 10.18 -25.37
CA GLY D 66 -25.14 11.43 -25.01
C GLY D 66 -24.17 12.37 -24.32
N LYS D 67 -23.28 11.82 -23.52
CA LYS D 67 -22.26 12.61 -22.84
C LYS D 67 -21.26 13.20 -23.82
N ALA D 68 -20.88 12.41 -24.82
CA ALA D 68 -19.89 12.84 -25.79
C ALA D 68 -20.44 12.92 -27.20
N THR D 69 -19.99 13.94 -27.94
CA THR D 69 -20.32 14.09 -29.35
C THR D 69 -19.05 14.36 -30.15
N LEU D 70 -18.80 13.52 -31.15
CA LEU D 70 -17.59 13.65 -31.95
C LEU D 70 -17.86 14.28 -33.31
N THR D 71 -17.06 15.28 -33.67
CA THR D 71 -17.13 15.90 -34.98
C THR D 71 -15.73 16.07 -35.57
N ALA D 72 -15.66 16.49 -36.83
CA ALA D 72 -14.38 16.67 -37.50
C ALA D 72 -14.43 17.77 -38.55
N ASP D 73 -13.29 18.42 -38.77
CA ASP D 73 -13.16 19.43 -39.80
C ASP D 73 -12.09 18.97 -40.79
N LYS D 74 -12.54 18.52 -41.96
CA LYS D 74 -11.64 17.92 -42.94
C LYS D 74 -10.63 18.91 -43.54
N SER D 75 -11.03 20.16 -43.65
CA SER D 75 -10.17 21.18 -44.24
C SER D 75 -9.07 21.62 -43.29
N SER D 76 -9.37 21.64 -41.99
CA SER D 76 -8.40 22.08 -40.99
C SER D 76 -7.75 20.90 -40.27
N SER D 77 -8.15 19.68 -40.66
CA SER D 77 -7.61 18.46 -40.07
C SER D 77 -7.74 18.43 -38.55
N THR D 78 -8.91 18.81 -38.05
CA THR D 78 -9.14 18.88 -36.62
C THR D 78 -10.32 18.05 -36.17
N ALA D 79 -10.11 17.21 -35.17
CA ALA D 79 -11.18 16.43 -34.55
C ALA D 79 -11.66 17.12 -33.28
N TYR D 80 -12.96 17.12 -33.05
CA TYR D 80 -13.53 17.77 -31.87
C TYR D 80 -14.34 16.79 -31.02
N MET D 81 -14.29 16.98 -29.71
CA MET D 81 -15.16 16.23 -28.81
C MET D 81 -15.88 17.16 -27.84
N GLN D 82 -17.19 17.20 -27.96
CA GLN D 82 -18.02 17.99 -27.04
C GLN D 82 -18.52 17.13 -25.88
N LEU D 83 -18.31 17.62 -24.66
CA LEU D 83 -18.82 16.94 -23.48
C LEU D 83 -19.91 17.80 -22.85
N SER D 84 -21.12 17.25 -22.80
CA SER D 84 -22.27 18.01 -22.32
C SER D 84 -22.69 17.60 -20.90
N SER D 85 -23.52 18.42 -20.27
CA SER D 85 -24.06 18.16 -18.93
C SER D 85 -22.96 17.78 -17.96
N LEU D 86 -21.88 18.55 -17.95
CA LEU D 86 -20.69 18.24 -17.17
C LEU D 86 -20.96 18.06 -15.68
N ALA D 87 -20.46 16.98 -15.11
CA ALA D 87 -20.56 16.71 -13.69
C ALA D 87 -19.18 16.50 -13.12
N SER D 88 -19.09 16.36 -11.79
CA SER D 88 -17.81 16.15 -11.13
C SER D 88 -17.12 14.89 -11.63
N GLU D 89 -17.92 13.92 -12.06
CA GLU D 89 -17.40 12.64 -12.54
C GLU D 89 -16.69 12.77 -13.88
N ASP D 90 -16.90 13.90 -14.55
CA ASP D 90 -16.30 14.14 -15.86
C ASP D 90 -14.89 14.73 -15.76
N SER D 91 -14.49 15.08 -14.53
CA SER D 91 -13.15 15.60 -14.30
C SER D 91 -12.11 14.52 -14.57
N ALA D 92 -11.35 14.70 -15.66
CA ALA D 92 -10.36 13.70 -16.07
C ALA D 92 -9.42 14.25 -17.14
N VAL D 93 -8.53 13.40 -17.61
CA VAL D 93 -7.67 13.72 -18.75
C VAL D 93 -8.22 12.99 -19.97
N TYR D 94 -8.35 13.72 -21.08
CA TYR D 94 -8.89 13.15 -22.30
C TYR D 94 -7.85 13.13 -23.42
N TYR D 95 -7.65 11.96 -24.00
CA TYR D 95 -6.67 11.79 -25.08
C TYR D 95 -7.36 11.57 -26.42
N CYS D 96 -6.72 12.03 -27.48
CA CYS D 96 -7.10 11.63 -28.83
C CYS D 96 -5.95 10.80 -29.41
N ALA D 97 -6.28 9.88 -30.31
CA ALA D 97 -5.26 8.99 -30.87
C ALA D 97 -5.57 8.56 -32.29
N ARG D 98 -4.53 8.47 -33.12
CA ARG D 98 -4.66 7.98 -34.48
C ARG D 98 -4.56 6.46 -34.43
N ARG D 99 -5.72 5.80 -34.51
CA ARG D 99 -5.82 4.35 -34.32
C ARG D 99 -5.21 3.95 -32.98
N TRP D 100 -4.05 3.31 -33.03
CA TRP D 100 -3.34 2.90 -31.83
C TRP D 100 -1.90 3.43 -31.84
N ASP D 101 -1.51 4.03 -32.96
CA ASP D 101 -0.12 4.40 -33.19
C ASP D 101 0.33 5.64 -32.41
N TYR D 102 -0.36 6.76 -32.60
CA TYR D 102 0.08 8.02 -32.02
C TYR D 102 -0.96 8.65 -31.10
N TRP D 103 -0.49 9.19 -29.99
CA TRP D 103 -1.37 9.78 -28.98
C TRP D 103 -1.10 11.25 -28.76
N GLY D 104 -2.15 12.01 -28.49
CA GLY D 104 -2.01 13.40 -28.09
C GLY D 104 -1.50 13.46 -26.67
N GLN D 105 -1.10 14.66 -26.23
CA GLN D 105 -0.54 14.82 -24.89
C GLN D 105 -1.63 14.85 -23.82
N GLY D 106 -2.89 14.96 -24.25
CA GLY D 106 -4.01 14.96 -23.34
C GLY D 106 -4.52 16.34 -23.01
N THR D 107 -5.81 16.44 -22.71
CA THR D 107 -6.42 17.69 -22.28
C THR D 107 -7.09 17.46 -20.93
N THR D 108 -6.68 18.23 -19.93
CA THR D 108 -7.21 18.06 -18.58
C THR D 108 -8.47 18.89 -18.36
N LEU D 109 -9.54 18.22 -17.93
CA LEU D 109 -10.80 18.90 -17.64
C LEU D 109 -11.09 18.87 -16.14
N THR D 110 -11.36 20.04 -15.58
CA THR D 110 -11.79 20.14 -14.19
C THR D 110 -13.22 20.66 -14.13
N VAL D 111 -14.12 19.88 -13.56
CA VAL D 111 -15.49 20.32 -13.37
C VAL D 111 -15.72 20.68 -11.92
N SER D 112 -15.91 21.98 -11.66
CA SER D 112 -16.04 22.48 -10.30
C SER D 112 -16.69 23.85 -10.27
N SER D 113 -17.30 24.19 -9.14
CA SER D 113 -17.89 25.51 -8.97
C SER D 113 -16.91 26.44 -8.26
N ALA D 114 -15.82 25.88 -7.78
CA ALA D 114 -14.76 26.65 -7.14
C ALA D 114 -14.11 27.59 -8.15
N LYS D 115 -13.66 28.75 -7.68
CA LYS D 115 -13.14 29.77 -8.59
C LYS D 115 -11.61 29.75 -8.70
N THR D 116 -11.12 30.22 -9.84
CA THR D 116 -9.68 30.28 -10.09
C THR D 116 -8.97 31.16 -9.07
N THR D 117 -7.91 30.62 -8.47
CA THR D 117 -7.17 31.34 -7.44
C THR D 117 -5.67 31.24 -7.69
N ALA D 118 -5.00 32.39 -7.67
CA ALA D 118 -3.55 32.45 -7.87
C ALA D 118 -2.82 32.01 -6.61
N PRO D 119 -1.72 31.25 -6.79
CA PRO D 119 -0.95 30.74 -5.65
C PRO D 119 -0.02 31.79 -5.07
N SER D 120 0.42 31.56 -3.83
CA SER D 120 1.55 32.28 -3.29
C SER D 120 2.75 31.35 -3.39
N VAL D 121 3.90 31.89 -3.75
CA VAL D 121 5.10 31.08 -3.91
C VAL D 121 6.19 31.54 -2.94
N TYR D 122 6.70 30.60 -2.15
CA TYR D 122 7.67 30.94 -1.10
C TYR D 122 8.99 30.19 -1.27
N PRO D 123 10.10 30.94 -1.30
CA PRO D 123 11.43 30.34 -1.36
C PRO D 123 11.83 29.77 -0.01
N LEU D 124 12.32 28.54 0.00
CA LEU D 124 12.71 27.89 1.25
C LEU D 124 14.22 27.71 1.33
N ALA D 125 14.88 28.62 2.04
CA ALA D 125 16.32 28.52 2.25
C ALA D 125 16.60 27.58 3.42
N PRO D 126 17.78 26.95 3.43
CA PRO D 126 18.14 26.04 4.52
C PRO D 126 18.21 26.75 5.87
N VAL D 127 18.18 25.97 6.95
CA VAL D 127 18.32 26.52 8.29
C VAL D 127 19.65 27.25 8.41
N CYS D 128 19.68 28.31 9.22
CA CYS D 128 20.88 29.13 9.36
C CYS D 128 21.77 28.60 10.49
N GLY D 133 28.21 19.35 4.88
CA GLY D 133 27.89 18.32 3.89
C GLY D 133 28.36 18.69 2.50
N SER D 134 28.50 17.69 1.64
CA SER D 134 28.95 17.91 0.27
C SER D 134 27.89 18.63 -0.56
N SER D 135 26.63 18.46 -0.19
CA SER D 135 25.52 19.05 -0.94
C SER D 135 24.59 19.87 -0.04
N VAL D 136 23.79 20.72 -0.67
CA VAL D 136 22.81 21.52 0.04
C VAL D 136 21.43 21.35 -0.60
N THR D 137 20.39 21.29 0.22
CA THR D 137 19.02 21.14 -0.28
C THR D 137 18.22 22.42 -0.10
N LEU D 138 17.62 22.89 -1.19
CA LEU D 138 16.77 24.07 -1.16
C LEU D 138 15.32 23.64 -1.38
N GLY D 139 14.37 24.51 -1.05
CA GLY D 139 12.97 24.20 -1.19
C GLY D 139 12.14 25.32 -1.78
N CYS D 140 10.92 24.98 -2.18
CA CYS D 140 9.98 25.96 -2.71
C CYS D 140 8.56 25.53 -2.37
N LEU D 141 7.77 26.46 -1.85
CA LEU D 141 6.40 26.18 -1.45
C LEU D 141 5.40 26.96 -2.29
N VAL D 142 4.47 26.24 -2.93
CA VAL D 142 3.45 26.86 -3.76
C VAL D 142 2.07 26.62 -3.14
N LYS D 143 1.52 27.66 -2.52
CA LYS D 143 0.36 27.50 -1.65
C LYS D 143 -0.90 28.22 -2.12
N GLY D 144 -2.03 27.53 -2.04
CA GLY D 144 -3.34 28.13 -2.24
C GLY D 144 -3.71 28.50 -3.67
N TYR D 145 -3.66 27.52 -4.57
CA TYR D 145 -4.06 27.77 -5.95
C TYR D 145 -5.19 26.86 -6.41
N PHE D 146 -5.86 27.27 -7.48
CA PHE D 146 -6.93 26.48 -8.07
C PHE D 146 -7.24 27.01 -9.47
N PRO D 147 -7.46 26.11 -10.44
CA PRO D 147 -7.31 24.66 -10.25
C PRO D 147 -5.90 24.22 -10.59
N GLU D 148 -5.69 22.91 -10.68
CA GLU D 148 -4.44 22.34 -11.15
C GLU D 148 -4.30 22.63 -12.65
N PRO D 149 -3.05 22.63 -13.17
CA PRO D 149 -1.81 22.45 -12.43
C PRO D 149 -0.99 23.72 -12.34
N VAL D 150 0.13 23.64 -11.61
CA VAL D 150 1.17 24.65 -11.71
C VAL D 150 2.38 23.98 -12.33
N THR D 151 3.27 24.79 -12.89
CA THR D 151 4.52 24.28 -13.46
C THR D 151 5.71 24.84 -12.67
N LEU D 152 6.53 23.95 -12.14
CA LEU D 152 7.67 24.37 -11.33
C LEU D 152 8.98 23.96 -11.99
N THR D 153 9.85 24.93 -12.19
CA THR D 153 11.16 24.68 -12.79
C THR D 153 12.25 25.42 -12.02
N TRP D 154 13.31 24.70 -11.66
CA TRP D 154 14.46 25.30 -11.00
C TRP D 154 15.45 25.82 -12.04
N ASN D 155 15.69 27.14 -12.00
CA ASN D 155 16.55 27.80 -12.98
C ASN D 155 16.13 27.53 -14.43
N SER D 156 17.05 26.95 -15.20
CA SER D 156 16.77 26.67 -16.61
C SER D 156 16.35 25.22 -16.86
N GLY D 157 16.36 24.41 -15.81
CA GLY D 157 15.86 23.05 -15.91
C GLY D 157 16.93 21.96 -15.88
N SER D 158 18.20 22.37 -15.83
CA SER D 158 19.30 21.40 -15.85
C SER D 158 19.71 20.94 -14.47
N LEU D 159 18.91 21.29 -13.46
CA LEU D 159 19.16 20.83 -12.09
C LEU D 159 18.22 19.68 -11.76
N SER D 160 17.55 19.17 -12.78
CA SER D 160 16.48 18.17 -12.62
C SER D 160 16.90 16.88 -11.92
N SER D 161 18.20 16.59 -11.93
CA SER D 161 18.71 15.33 -11.38
C SER D 161 18.41 15.20 -9.88
N GLY D 162 18.51 16.31 -9.16
CA GLY D 162 18.28 16.30 -7.73
C GLY D 162 17.01 17.05 -7.33
N VAL D 163 16.02 17.03 -8.21
CA VAL D 163 14.76 17.71 -7.95
C VAL D 163 13.61 16.74 -7.69
N HIS D 164 12.89 16.97 -6.59
CA HIS D 164 11.65 16.25 -6.32
C HIS D 164 10.51 17.24 -6.16
N THR D 165 9.58 17.24 -7.12
CA THR D 165 8.38 18.05 -7.01
C THR D 165 7.20 17.17 -6.64
N PHE D 166 6.59 17.46 -5.50
CA PHE D 166 5.57 16.59 -4.92
C PHE D 166 4.17 16.94 -5.41
N PRO D 167 3.31 15.92 -5.59
CA PRO D 167 1.93 16.15 -6.04
C PRO D 167 1.16 17.05 -5.07
N ALA D 168 0.25 17.85 -5.63
CA ALA D 168 -0.51 18.80 -4.84
C ALA D 168 -1.51 18.11 -3.92
N VAL D 169 -1.77 18.73 -2.78
CA VAL D 169 -2.80 18.25 -1.86
C VAL D 169 -3.93 19.27 -1.84
N LEU D 170 -5.16 18.79 -1.91
CA LEU D 170 -6.31 19.68 -1.90
C LEU D 170 -6.71 20.03 -0.47
N GLN D 171 -6.34 21.23 -0.05
CA GLN D 171 -6.58 21.69 1.31
C GLN D 171 -7.69 22.74 1.34
N SER D 172 -8.93 22.27 1.51
CA SER D 172 -10.12 23.13 1.52
C SER D 172 -10.25 23.95 0.25
N ASP D 173 -10.55 23.27 -0.85
CA ASP D 173 -10.79 23.90 -2.15
C ASP D 173 -9.58 24.61 -2.74
N LEU D 174 -8.42 24.45 -2.12
CA LEU D 174 -7.18 25.05 -2.61
C LEU D 174 -6.04 24.05 -2.58
N TYR D 175 -5.22 24.06 -3.63
CA TYR D 175 -4.10 23.13 -3.73
C TYR D 175 -2.81 23.72 -3.17
N THR D 176 -1.97 22.85 -2.60
CA THR D 176 -0.66 23.23 -2.11
C THR D 176 0.38 22.23 -2.60
N LEU D 177 1.49 22.74 -3.10
CA LEU D 177 2.55 21.91 -3.65
C LEU D 177 3.90 22.38 -3.14
N SER D 178 4.86 21.47 -3.04
CA SER D 178 6.22 21.83 -2.67
C SER D 178 7.23 21.07 -3.53
N SER D 179 8.45 21.61 -3.61
CA SER D 179 9.51 20.98 -4.38
C SER D 179 10.85 21.16 -3.69
N SER D 180 11.68 20.13 -3.75
CA SER D 180 13.02 20.22 -3.19
C SER D 180 14.06 20.04 -4.28
N VAL D 181 15.12 20.84 -4.21
CA VAL D 181 16.25 20.68 -5.12
C VAL D 181 17.53 20.49 -4.32
N THR D 182 18.36 19.54 -4.75
CA THR D 182 19.63 19.28 -4.09
C THR D 182 20.78 19.47 -5.08
N VAL D 183 21.68 20.39 -4.74
CA VAL D 183 22.87 20.63 -5.55
C VAL D 183 24.09 20.59 -4.65
N THR D 184 25.28 20.49 -5.26
CA THR D 184 26.52 20.50 -4.49
C THR D 184 26.70 21.85 -3.82
N SER D 185 27.35 21.85 -2.66
CA SER D 185 27.45 23.04 -1.82
C SER D 185 28.18 24.22 -2.47
N SER D 186 28.97 23.94 -3.50
CA SER D 186 29.75 24.98 -4.18
C SER D 186 28.90 25.73 -5.20
N THR D 187 27.75 25.19 -5.55
CA THR D 187 26.87 25.80 -6.54
C THR D 187 26.07 26.96 -5.95
N TRP D 188 25.57 26.76 -4.73
CA TRP D 188 24.73 27.74 -4.07
C TRP D 188 25.37 28.14 -2.74
N PRO D 189 25.30 29.44 -2.38
CA PRO D 189 24.62 30.53 -3.09
C PRO D 189 25.52 31.39 -3.97
N SER D 190 26.63 30.83 -4.47
CA SER D 190 27.48 31.56 -5.38
C SER D 190 26.72 31.85 -6.67
N GLN D 191 25.96 30.87 -7.12
CA GLN D 191 25.10 31.02 -8.29
C GLN D 191 23.66 31.20 -7.83
N SER D 192 22.89 31.98 -8.58
CA SER D 192 21.50 32.23 -8.22
C SER D 192 20.62 31.04 -8.57
N ILE D 193 19.97 30.46 -7.56
CA ILE D 193 19.00 29.40 -7.77
C ILE D 193 17.59 29.92 -7.50
N THR D 194 16.75 29.89 -8.53
CA THR D 194 15.43 30.50 -8.44
C THR D 194 14.32 29.48 -8.72
N CYS D 195 13.28 29.51 -7.89
CA CYS D 195 12.12 28.65 -8.08
C CYS D 195 11.12 29.33 -9.02
N ASN D 196 11.03 28.83 -10.25
CA ASN D 196 10.17 29.42 -11.27
C ASN D 196 8.82 28.72 -11.36
N VAL D 197 7.77 29.41 -10.91
CA VAL D 197 6.43 28.84 -10.86
C VAL D 197 5.48 29.53 -11.83
N ALA D 198 4.67 28.73 -12.52
CA ALA D 198 3.66 29.28 -13.40
C ALA D 198 2.30 28.63 -13.14
N HIS D 199 1.27 29.47 -13.01
CA HIS D 199 -0.10 29.00 -12.87
C HIS D 199 -0.96 29.62 -13.97
N PRO D 200 -1.04 28.95 -15.13
CA PRO D 200 -1.70 29.45 -16.34
C PRO D 200 -3.14 29.89 -16.13
N ALA D 201 -3.90 29.13 -15.33
CA ALA D 201 -5.30 29.42 -15.09
C ALA D 201 -5.53 30.82 -14.55
N SER D 202 -4.63 31.28 -13.69
CA SER D 202 -4.72 32.61 -13.11
C SER D 202 -3.72 33.56 -13.77
N SER D 203 -3.12 33.11 -14.87
CA SER D 203 -2.11 33.87 -15.59
C SER D 203 -0.97 34.32 -14.66
N THR D 204 -0.53 33.41 -13.81
CA THR D 204 0.48 33.73 -12.81
C THR D 204 1.86 33.22 -13.23
N LYS D 205 2.83 34.12 -13.23
CA LYS D 205 4.22 33.77 -13.50
C LYS D 205 5.11 34.46 -12.48
N VAL D 206 5.67 33.69 -11.56
CA VAL D 206 6.54 34.25 -10.53
C VAL D 206 7.85 33.48 -10.38
N ASP D 207 8.93 34.20 -10.10
CA ASP D 207 10.24 33.60 -9.88
C ASP D 207 10.77 34.01 -8.52
N LYS D 208 10.97 33.03 -7.63
CA LYS D 208 11.43 33.31 -6.28
C LYS D 208 12.85 32.80 -6.05
N LYS D 209 13.78 33.73 -5.82
CA LYS D 209 15.18 33.37 -5.58
C LYS D 209 15.37 32.83 -4.18
N ILE D 210 16.16 31.77 -4.06
CA ILE D 210 16.51 31.23 -2.75
C ILE D 210 17.67 32.02 -2.18
N GLU D 211 17.43 32.70 -1.06
CA GLU D 211 18.46 33.52 -0.43
C GLU D 211 18.72 33.07 1.00
N PRO D 212 20.01 32.94 1.35
CA PRO D 212 20.44 32.50 2.69
C PRO D 212 19.78 33.31 3.80
N ARG D 213 19.42 32.64 4.89
CA ARG D 213 18.74 33.29 6.00
C ARG D 213 19.70 34.13 6.84
CL CL E . 15.85 -19.46 5.49
CL CL F . -22.34 5.41 16.60
CL CL G . -16.38 -7.29 -4.88
CL CL H . -11.00 -25.78 -4.92
CL CL I . 11.16 -44.67 20.45
CL CL J . 15.12 -13.15 31.64
N1 AZI K . 1.86 -5.13 -6.37
N2 AZI K . 1.11 -5.73 -5.73
N3 AZI K . 0.36 -6.32 -5.08
CL CL L . -13.09 0.72 -22.27
CL CL M . 13.68 33.35 4.59
CL CL N . 18.12 20.43 7.56
CL CL O . 8.42 -7.66 -33.44
CL CL P . -12.93 -11.16 -39.61
CL CL Q . 10.95 19.86 19.10
CL CL R . 16.00 -4.40 -23.65
CL CL S . 0.17 -16.04 -25.04
CL CL T . 3.98 35.11 -4.79
CL CL U . -0.40 20.89 -9.74
CL CL V . 13.42 21.45 -12.46
CL CL W . -18.08 15.20 -38.87
#